data_1SVV
#
_entry.id   1SVV
#
_cell.length_a   119.094
_cell.length_b   119.094
_cell.length_c   129.597
_cell.angle_alpha   90.00
_cell.angle_beta   90.00
_cell.angle_gamma   90.00
#
_symmetry.space_group_name_H-M   'P 43 21 2'
#
loop_
_entity.id
_entity.type
_entity.pdbx_description
1 polymer 'THREONINE ALDOLASE'
2 non-polymer 'UNKNOWN LIGAND'
3 water water
#
_entity_poly.entity_id   1
_entity_poly.type   'polypeptide(L)'
_entity_poly.pdbx_seq_one_letter_code
;(MSE)STPRTTATAAKPKPYSFVNDYSVG(MSE)HPKILDL(MSE)ARDN(MSE)TQHAGYGQDSHCAKAARLIGELLER
PDADVHFISGGTQTNLIACSLALRPWEAVIATQLGHISTHETGAIEATGHKVVTAPCPDGKLRVADIESALHENRSEH
(MSE)VIPKLVYISNTTEVGTQYTKQELEDISASCKEHGLYLFLDGARLASALSSPVNDLTLADIARLTD(MSE)FYIGA
TKAGG(MSE)FGEALIILNDALKPNARHLIKQRGAL(MSE)AKGWLLGIQFEVL(MSE)KDNLFFELGAHSNK(MSE)AA
ILKAGLEACGIRLAWPSASNQLFPILENT(MSE)IAELNNDFD(MSE)YTVEPLKDGTCI(MSE)RLCTSWATEEKECHR
FVEVLKRLVASTA
;
_entity_poly.pdbx_strand_id   A,B
#
# COMPACT_ATOMS: atom_id res chain seq x y z
N PRO A 15 -18.32 -14.74 -19.12
CA PRO A 15 -16.91 -15.24 -19.41
C PRO A 15 -16.10 -15.51 -18.13
N TYR A 16 -16.02 -16.78 -17.71
CA TYR A 16 -15.42 -17.11 -16.42
C TYR A 16 -13.91 -17.01 -16.45
N SER A 17 -13.32 -16.40 -15.43
CA SER A 17 -11.88 -16.09 -15.46
C SER A 17 -10.99 -17.07 -14.69
N PHE A 18 -10.01 -17.65 -15.38
CA PHE A 18 -8.90 -18.39 -14.79
C PHE A 18 -7.57 -17.63 -14.94
N VAL A 19 -7.64 -16.31 -15.06
CA VAL A 19 -6.48 -15.49 -15.36
C VAL A 19 -5.48 -15.40 -14.20
N ASN A 20 -5.97 -15.24 -12.98
CA ASN A 20 -5.06 -15.11 -11.82
C ASN A 20 -5.77 -15.54 -10.55
N ASP A 21 -5.07 -15.50 -9.41
CA ASP A 21 -5.66 -15.86 -8.12
C ASP A 21 -6.03 -14.64 -7.24
N TYR A 22 -6.40 -13.52 -7.87
CA TYR A 22 -6.81 -12.30 -7.16
C TYR A 22 -7.85 -11.51 -7.96
N SER A 23 -8.93 -12.20 -8.35
CA SER A 23 -10.03 -11.63 -9.14
C SER A 23 -11.31 -11.42 -8.33
N VAL A 24 -11.36 -11.95 -7.12
CA VAL A 24 -12.47 -11.83 -6.20
C VAL A 24 -11.93 -11.16 -4.92
N GLY A 25 -12.79 -10.38 -4.25
CA GLY A 25 -12.41 -9.51 -3.15
C GLY A 25 -11.86 -10.26 -1.95
N HIS A 27 -12.77 -13.60 1.29
CA HIS A 27 -13.59 -14.65 1.86
C HIS A 27 -14.68 -14.01 2.70
N PRO A 28 -15.91 -14.53 2.64
CA PRO A 28 -17.03 -13.97 3.41
C PRO A 28 -16.77 -13.76 4.92
N LYS A 29 -16.00 -14.64 5.55
CA LYS A 29 -15.71 -14.50 6.98
C LYS A 29 -14.82 -13.30 7.27
N ILE A 30 -13.97 -12.91 6.32
CA ILE A 30 -13.22 -11.66 6.48
C ILE A 30 -14.15 -10.46 6.35
N LEU A 31 -15.00 -10.49 5.33
CA LEU A 31 -15.96 -9.42 5.12
C LEU A 31 -16.84 -9.24 6.34
N ASP A 32 -17.24 -10.35 6.96
CA ASP A 32 -18.11 -10.35 8.13
C ASP A 32 -17.42 -9.71 9.34
N LEU A 33 -16.17 -10.05 9.59
CA LEU A 33 -15.46 -9.47 10.71
C LEU A 33 -15.23 -7.97 10.47
N ALA A 35 -17.15 -5.98 8.71
CA ALA A 35 -18.45 -5.33 8.84
C ALA A 35 -18.87 -5.17 10.29
N ARG A 36 -18.69 -6.23 11.09
CA ARG A 36 -19.08 -6.23 12.50
C ARG A 36 -18.15 -5.37 13.37
N ASP A 37 -16.94 -5.13 12.89
CA ASP A 37 -15.94 -4.36 13.63
C ASP A 37 -16.03 -2.87 13.32
N ASN A 38 -16.72 -2.54 12.23
CA ASN A 38 -16.86 -1.16 11.80
C ASN A 38 -17.48 -0.28 12.89
N THR A 40 -15.89 0.76 15.61
CA THR A 40 -14.96 0.70 16.74
C THR A 40 -13.70 1.58 16.44
N GLN A 41 -13.14 2.16 17.49
CA GLN A 41 -11.96 3.02 17.37
C GLN A 41 -10.72 2.17 17.56
N HIS A 42 -9.70 2.43 16.75
CA HIS A 42 -8.47 1.65 16.74
C HIS A 42 -7.32 2.63 16.63
N ALA A 43 -6.19 2.30 17.25
CA ALA A 43 -4.95 3.03 16.98
C ALA A 43 -4.40 2.61 15.60
N GLY A 44 -3.66 3.52 14.96
CA GLY A 44 -3.21 3.34 13.59
C GLY A 44 -1.88 2.61 13.42
N TYR A 45 -1.51 2.35 12.16
CA TYR A 45 -0.18 1.92 11.82
C TYR A 45 0.20 0.55 12.39
N GLY A 46 -0.77 -0.35 12.51
CA GLY A 46 -0.54 -1.67 13.07
C GLY A 46 -0.41 -1.79 14.60
N GLN A 47 -0.71 -0.74 15.34
CA GLN A 47 -0.54 -0.80 16.81
C GLN A 47 -1.80 -1.27 17.54
N ASP A 48 -2.67 -1.96 16.83
CA ASP A 48 -4.01 -2.27 17.33
C ASP A 48 -4.12 -3.72 17.79
N SER A 49 -5.28 -4.02 18.33
CA SER A 49 -5.66 -5.35 18.82
C SER A 49 -5.71 -6.47 17.77
N HIS A 50 -6.13 -6.14 16.55
CA HIS A 50 -6.24 -7.15 15.50
C HIS A 50 -4.89 -7.64 15.02
N CYS A 51 -3.98 -6.71 14.82
CA CYS A 51 -2.64 -7.05 14.40
C CYS A 51 -1.96 -7.87 15.50
N ALA A 52 -2.15 -7.49 16.76
CA ALA A 52 -1.52 -8.19 17.89
C ALA A 52 -2.02 -9.64 17.96
N LYS A 53 -3.32 -9.85 17.81
CA LYS A 53 -3.89 -11.20 17.82
C LYS A 53 -3.41 -12.02 16.63
N ALA A 54 -3.43 -11.43 15.43
CA ALA A 54 -2.98 -12.17 14.25
C ALA A 54 -1.51 -12.57 14.41
N ALA A 55 -0.67 -11.64 14.87
CA ALA A 55 0.76 -11.90 15.02
C ALA A 55 1.01 -13.01 16.04
N ARG A 56 0.29 -12.99 17.15
CA ARG A 56 0.33 -14.09 18.13
C ARG A 56 -0.07 -15.44 17.55
N LEU A 57 -1.18 -15.49 16.82
CA LEU A 57 -1.60 -16.71 16.13
C LEU A 57 -0.51 -17.19 15.16
N ILE A 58 0.10 -16.29 14.42
CA ILE A 58 1.11 -16.69 13.44
C ILE A 58 2.37 -17.25 14.14
N GLY A 59 2.76 -16.63 15.25
CA GLY A 59 3.91 -17.08 16.02
C GLY A 59 3.71 -18.50 16.51
N GLU A 60 2.51 -18.81 16.95
CA GLU A 60 2.18 -20.16 17.40
C GLU A 60 2.22 -21.16 16.25
N LEU A 61 1.66 -20.83 15.10
CA LEU A 61 1.71 -21.76 13.96
C LEU A 61 3.15 -22.02 13.52
N LEU A 62 4.01 -21.01 13.59
CA LEU A 62 5.42 -21.17 13.19
C LEU A 62 6.27 -21.86 14.24
N GLU A 63 5.75 -21.99 15.47
CA GLU A 63 6.50 -22.46 16.61
C GLU A 63 7.76 -21.60 16.79
N ARG A 64 7.65 -20.32 16.46
CA ARG A 64 8.68 -19.32 16.68
C ARG A 64 7.97 -18.05 17.16
N PRO A 65 7.45 -18.04 18.38
CA PRO A 65 6.86 -16.82 18.92
C PRO A 65 7.91 -15.70 19.16
N ASP A 66 9.19 -16.02 19.02
CA ASP A 66 10.23 -14.97 19.06
C ASP A 66 10.32 -14.11 17.80
N ALA A 67 9.70 -14.56 16.71
CA ALA A 67 9.81 -13.87 15.42
C ALA A 67 9.04 -12.55 15.44
N ASP A 68 9.47 -11.56 14.64
CA ASP A 68 8.73 -10.31 14.47
C ASP A 68 7.83 -10.44 13.23
N VAL A 69 6.56 -10.03 13.38
CA VAL A 69 5.59 -10.11 12.29
C VAL A 69 5.14 -8.71 11.91
N HIS A 70 5.28 -8.34 10.64
CA HIS A 70 4.82 -7.01 10.17
C HIS A 70 3.82 -7.22 9.03
N PHE A 71 2.69 -6.54 9.10
CA PHE A 71 1.65 -6.67 8.09
C PHE A 71 1.83 -5.53 7.08
N ILE A 72 1.86 -5.90 5.79
CA ILE A 72 2.14 -5.03 4.67
C ILE A 72 1.14 -5.37 3.59
N SER A 73 0.76 -4.40 2.77
CA SER A 73 -0.40 -4.58 1.89
C SER A 73 -0.14 -5.44 0.66
N GLY A 74 1.04 -5.34 0.05
CA GLY A 74 1.30 -6.05 -1.21
C GLY A 74 2.60 -6.86 -1.30
N GLY A 75 2.69 -7.69 -2.35
CA GLY A 75 3.84 -8.57 -2.58
C GLY A 75 5.12 -7.88 -3.05
N THR A 76 5.01 -6.99 -4.05
CA THR A 76 6.13 -6.20 -4.53
C THR A 76 6.71 -5.31 -3.41
N GLN A 77 5.80 -4.66 -2.68
CA GLN A 77 6.11 -3.90 -1.47
C GLN A 77 6.92 -4.71 -0.52
N THR A 78 6.43 -5.92 -0.23
CA THR A 78 7.11 -6.78 0.74
C THR A 78 8.51 -7.21 0.24
N ASN A 79 8.63 -7.57 -1.03
CA ASN A 79 9.93 -8.01 -1.57
C ASN A 79 10.97 -6.89 -1.53
N LEU A 80 10.57 -5.66 -1.87
CA LEU A 80 11.53 -4.59 -1.94
C LEU A 80 11.92 -4.12 -0.53
N ILE A 81 11.00 -4.26 0.43
CA ILE A 81 11.31 -3.98 1.84
C ILE A 81 12.27 -5.05 2.38
N ALA A 82 11.99 -6.31 2.13
CA ALA A 82 12.88 -7.41 2.57
C ALA A 82 14.31 -7.27 2.07
N CYS A 83 14.48 -6.97 0.79
CA CYS A 83 15.81 -6.83 0.23
C CYS A 83 16.49 -5.60 0.81
N SER A 84 15.74 -4.51 1.01
CA SER A 84 16.34 -3.27 1.48
C SER A 84 16.75 -3.41 2.96
N LEU A 85 16.07 -4.29 3.68
CA LEU A 85 16.42 -4.58 5.07
C LEU A 85 17.67 -5.47 5.16
N ALA A 86 17.86 -6.38 4.22
CA ALA A 86 18.92 -7.38 4.30
C ALA A 86 20.24 -6.99 3.63
N LEU A 87 20.25 -5.91 2.83
CA LEU A 87 21.38 -5.61 1.95
C LEU A 87 22.06 -4.27 2.20
N ARG A 88 23.38 -4.29 2.28
CA ARG A 88 24.17 -3.05 2.22
C ARG A 88 24.30 -2.58 0.75
N PRO A 89 24.74 -1.34 0.49
CA PRO A 89 24.71 -0.80 -0.88
C PRO A 89 25.45 -1.62 -1.96
N TRP A 90 26.48 -2.35 -1.57
CA TRP A 90 27.32 -3.13 -2.50
C TRP A 90 26.94 -4.62 -2.50
N GLU A 91 25.87 -4.95 -1.81
CA GLU A 91 25.37 -6.34 -1.76
C GLU A 91 24.18 -6.53 -2.69
N ALA A 92 24.00 -7.77 -3.12
CA ALA A 92 23.06 -8.14 -4.16
C ALA A 92 22.27 -9.35 -3.73
N VAL A 93 21.17 -9.59 -4.42
CA VAL A 93 20.28 -10.72 -4.15
C VAL A 93 20.36 -11.76 -5.29
N ILE A 94 20.45 -13.04 -4.94
CA ILE A 94 20.42 -14.12 -5.90
C ILE A 94 19.01 -14.62 -6.07
N ALA A 95 18.61 -14.85 -7.32
CA ALA A 95 17.30 -15.38 -7.67
C ALA A 95 17.38 -16.09 -9.02
N THR A 96 16.40 -16.93 -9.33
CA THR A 96 16.24 -17.46 -10.65
C THR A 96 15.84 -16.33 -11.56
N GLN A 97 16.15 -16.51 -12.85
CA GLN A 97 15.66 -15.64 -13.91
C GLN A 97 14.13 -15.53 -13.96
N LEU A 98 13.39 -16.53 -13.49
CA LEU A 98 11.92 -16.46 -13.46
C LEU A 98 11.36 -15.90 -12.16
N GLY A 99 12.26 -15.53 -11.23
CA GLY A 99 11.80 -15.01 -9.94
C GLY A 99 11.02 -13.73 -10.14
N HIS A 100 10.06 -13.45 -9.27
CA HIS A 100 9.24 -12.27 -9.46
C HIS A 100 10.09 -10.98 -9.44
N ILE A 101 11.07 -10.92 -8.55
CA ILE A 101 11.96 -9.76 -8.48
C ILE A 101 12.89 -9.59 -9.66
N SER A 102 13.12 -10.63 -10.46
CA SER A 102 13.93 -10.51 -11.69
C SER A 102 13.15 -10.05 -12.92
N THR A 103 11.81 -10.12 -12.88
CA THR A 103 10.99 -9.97 -14.09
C THR A 103 9.90 -8.90 -14.02
N HIS A 104 9.08 -9.02 -12.98
CA HIS A 104 7.75 -8.46 -12.93
C HIS A 104 7.49 -7.49 -11.79
N GLU A 105 8.50 -6.75 -11.37
CA GLU A 105 8.34 -5.68 -10.38
C GLU A 105 8.84 -4.34 -10.90
N THR A 106 8.93 -4.23 -12.22
CA THR A 106 9.49 -3.07 -12.93
C THR A 106 10.67 -2.37 -12.25
N GLY A 107 11.64 -3.22 -11.90
CA GLY A 107 12.93 -2.78 -11.42
C GLY A 107 12.87 -2.31 -9.98
N ALA A 108 11.94 -2.85 -9.21
CA ALA A 108 11.69 -2.40 -7.86
C ALA A 108 12.93 -2.55 -6.99
N ILE A 109 13.63 -3.68 -7.10
CA ILE A 109 14.81 -3.94 -6.27
C ILE A 109 15.95 -3.02 -6.67
N GLU A 110 16.10 -2.83 -7.96
CA GLU A 110 17.14 -1.95 -8.49
C GLU A 110 16.85 -0.50 -8.11
N ALA A 111 15.57 -0.16 -7.97
CA ALA A 111 15.18 1.17 -7.49
C ALA A 111 15.60 1.38 -6.03
N THR A 112 15.72 0.31 -5.24
CA THR A 112 16.31 0.44 -3.90
C THR A 112 17.84 0.54 -3.92
N GLY A 113 18.45 0.41 -5.10
CA GLY A 113 19.90 0.51 -5.25
C GLY A 113 20.68 -0.82 -5.33
N HIS A 114 20.01 -1.95 -5.46
CA HIS A 114 20.68 -3.25 -5.47
C HIS A 114 20.47 -4.09 -6.74
N LYS A 115 21.49 -4.86 -7.12
CA LYS A 115 21.43 -5.77 -8.25
C LYS A 115 20.78 -7.12 -7.87
N VAL A 116 19.99 -7.65 -8.79
CA VAL A 116 19.52 -9.03 -8.73
C VAL A 116 20.48 -9.82 -9.63
N VAL A 117 21.24 -10.74 -9.03
CA VAL A 117 22.04 -11.69 -9.78
C VAL A 117 21.19 -12.93 -10.09
N THR A 118 20.97 -13.23 -11.36
CA THR A 118 20.07 -14.30 -11.75
C THR A 118 20.85 -15.55 -12.10
N ALA A 119 20.17 -16.68 -11.96
CA ALA A 119 20.71 -17.99 -12.32
C ALA A 119 19.68 -18.62 -13.27
N PRO A 120 20.14 -19.24 -14.37
CA PRO A 120 19.23 -19.90 -15.31
C PRO A 120 18.74 -21.25 -14.79
N CYS A 121 17.58 -21.26 -14.15
CA CYS A 121 16.98 -22.49 -13.64
C CYS A 121 15.64 -22.66 -14.36
N PRO A 122 15.61 -23.47 -15.42
CA PRO A 122 14.40 -23.64 -16.23
C PRO A 122 13.14 -24.10 -15.47
N ASP A 123 13.29 -24.82 -14.36
CA ASP A 123 12.13 -25.30 -13.61
C ASP A 123 11.69 -24.37 -12.48
N GLY A 124 12.29 -23.18 -12.46
CA GLY A 124 11.93 -22.10 -11.56
C GLY A 124 12.45 -22.22 -10.13
N LYS A 125 13.22 -23.27 -9.86
CA LYS A 125 13.76 -23.55 -8.54
C LYS A 125 15.29 -23.38 -8.49
N LEU A 126 15.76 -22.68 -7.47
CA LEU A 126 17.20 -22.53 -7.22
C LEU A 126 17.73 -23.82 -6.63
N ARG A 127 18.94 -24.17 -7.00
CA ARG A 127 19.65 -25.29 -6.41
C ARG A 127 20.91 -24.78 -5.75
N VAL A 128 21.49 -25.60 -4.87
CA VAL A 128 22.74 -25.24 -4.22
C VAL A 128 23.83 -24.89 -5.25
N ALA A 129 23.87 -25.62 -6.37
CA ALA A 129 24.92 -25.40 -7.37
C ALA A 129 24.79 -23.99 -8.00
N ASP A 130 23.57 -23.47 -8.15
CA ASP A 130 23.38 -22.09 -8.64
C ASP A 130 23.81 -21.04 -7.64
N ILE A 131 23.61 -21.30 -6.36
CA ILE A 131 24.06 -20.34 -5.37
C ILE A 131 25.57 -20.28 -5.42
N GLU A 132 26.20 -21.46 -5.34
CA GLU A 132 27.65 -21.60 -5.35
C GLU A 132 28.28 -20.96 -6.58
N SER A 133 27.66 -21.17 -7.73
CA SER A 133 28.14 -20.62 -8.99
C SER A 133 27.97 -19.08 -9.02
N ALA A 134 26.85 -18.56 -8.49
CA ALA A 134 26.69 -17.11 -8.36
C ALA A 134 27.78 -16.48 -7.45
N LEU A 135 28.16 -17.19 -6.38
CA LEU A 135 29.27 -16.75 -5.52
C LEU A 135 30.63 -16.83 -6.17
N HIS A 136 30.84 -17.83 -7.03
CA HIS A 136 32.14 -18.01 -7.71
C HIS A 136 32.37 -16.86 -8.70
N GLU A 137 31.33 -16.51 -9.45
CA GLU A 137 31.38 -15.50 -10.52
C GLU A 137 31.52 -14.08 -10.00
N ASN A 138 30.99 -13.78 -8.83
CA ASN A 138 31.06 -12.42 -8.29
C ASN A 138 32.13 -12.38 -7.21
N ARG A 139 33.30 -11.89 -7.58
CA ARG A 139 34.42 -11.77 -6.64
C ARG A 139 35.16 -10.46 -6.83
N SER A 140 35.92 -10.10 -5.80
CA SER A 140 36.75 -8.89 -5.78
C SER A 140 35.94 -7.65 -5.50
N GLU A 141 36.65 -6.56 -5.24
CA GLU A 141 36.05 -5.26 -4.95
C GLU A 141 35.38 -4.62 -6.15
N HIS A 142 35.62 -5.19 -7.34
CA HIS A 142 35.02 -4.73 -8.58
C HIS A 142 33.66 -5.32 -8.88
N VAL A 144 29.70 -6.88 -7.20
CA VAL A 144 28.76 -6.92 -6.07
C VAL A 144 29.05 -8.16 -5.20
N ILE A 145 28.64 -8.11 -3.93
CA ILE A 145 28.74 -9.26 -3.03
C ILE A 145 27.36 -9.83 -2.87
N PRO A 146 27.11 -11.04 -3.35
CA PRO A 146 25.79 -11.65 -3.13
C PRO A 146 25.60 -11.89 -1.64
N LYS A 147 24.46 -11.52 -1.09
CA LYS A 147 24.28 -11.63 0.35
C LYS A 147 22.93 -12.20 0.77
N LEU A 148 21.96 -12.18 -0.14
CA LEU A 148 20.59 -12.60 0.11
C LEU A 148 20.19 -13.56 -0.99
N VAL A 149 19.53 -14.64 -0.65
CA VAL A 149 18.98 -15.56 -1.63
C VAL A 149 17.49 -15.47 -1.55
N TYR A 150 16.86 -15.35 -2.70
CA TYR A 150 15.42 -15.23 -2.86
C TYR A 150 14.87 -16.46 -3.55
N ILE A 151 13.88 -17.09 -2.93
CA ILE A 151 13.13 -18.19 -3.50
C ILE A 151 11.65 -17.93 -3.27
N SER A 152 10.84 -18.59 -4.08
CA SER A 152 9.39 -18.50 -4.04
C SER A 152 8.76 -19.87 -3.86
N ASN A 153 7.77 -19.98 -2.98
CA ASN A 153 7.04 -21.22 -2.81
C ASN A 153 5.54 -20.97 -2.71
N THR A 154 4.75 -21.36 -3.73
CA THR A 154 5.21 -21.95 -4.99
C THR A 154 5.97 -20.93 -5.84
N THR A 155 6.70 -21.44 -6.84
CA THR A 155 7.43 -20.60 -7.75
C THR A 155 6.49 -19.99 -8.79
N GLU A 156 7.06 -19.10 -9.59
CA GLU A 156 6.36 -18.34 -10.63
C GLU A 156 5.95 -19.23 -11.83
N VAL A 157 6.43 -20.48 -11.87
CA VAL A 157 5.92 -21.43 -12.85
C VAL A 157 5.20 -22.63 -12.24
N GLY A 158 4.75 -22.51 -10.99
CA GLY A 158 3.86 -23.50 -10.40
C GLY A 158 4.54 -24.70 -9.75
N THR A 159 5.86 -24.77 -9.85
CA THR A 159 6.61 -25.86 -9.15
C THR A 159 6.80 -25.43 -7.71
N GLN A 160 7.36 -26.32 -6.89
CA GLN A 160 7.57 -26.02 -5.48
C GLN A 160 8.70 -26.82 -4.88
N TYR A 161 9.15 -26.37 -3.72
CA TYR A 161 10.26 -27.00 -3.05
C TYR A 161 9.82 -28.13 -2.12
N THR A 162 10.67 -29.15 -2.01
CA THR A 162 10.46 -30.21 -1.05
C THR A 162 11.22 -29.78 0.21
N LYS A 163 11.03 -30.50 1.29
CA LYS A 163 11.71 -30.19 2.53
C LYS A 163 13.21 -30.38 2.34
N GLN A 164 13.63 -31.48 1.72
CA GLN A 164 15.05 -31.77 1.54
C GLN A 164 15.74 -30.64 0.73
N GLU A 165 15.09 -30.18 -0.35
CA GLU A 165 15.60 -29.06 -1.13
C GLU A 165 15.79 -27.80 -0.30
N LEU A 166 14.80 -27.43 0.52
CA LEU A 166 14.92 -26.23 1.30
C LEU A 166 15.97 -26.40 2.38
N GLU A 167 16.08 -27.61 2.94
CA GLU A 167 17.13 -27.89 3.91
C GLU A 167 18.53 -27.75 3.29
N ASP A 168 18.69 -28.18 2.04
CA ASP A 168 19.99 -28.07 1.37
C ASP A 168 20.31 -26.63 1.10
N ILE A 169 19.34 -25.86 0.61
CA ILE A 169 19.54 -24.44 0.35
C ILE A 169 19.87 -23.69 1.65
N SER A 170 19.10 -23.95 2.70
CA SER A 170 19.30 -23.28 3.98
C SER A 170 20.71 -23.54 4.52
N ALA A 171 21.14 -24.80 4.47
CA ALA A 171 22.47 -25.18 4.95
C ALA A 171 23.57 -24.45 4.18
N SER A 172 23.41 -24.37 2.86
CA SER A 172 24.41 -23.71 2.02
C SER A 172 24.46 -22.20 2.36
N CYS A 173 23.31 -21.57 2.51
CA CYS A 173 23.25 -20.16 2.93
C CYS A 173 23.96 -19.93 4.27
N LYS A 174 23.76 -20.81 5.24
CA LYS A 174 24.44 -20.63 6.52
C LYS A 174 25.94 -20.81 6.40
N GLU A 175 26.40 -21.71 5.52
CA GLU A 175 27.83 -21.94 5.39
C GLU A 175 28.55 -20.74 4.76
N HIS A 176 27.88 -20.07 3.83
CA HIS A 176 28.41 -18.90 3.12
C HIS A 176 27.98 -17.53 3.68
N GLY A 177 27.28 -17.49 4.81
CA GLY A 177 26.91 -16.21 5.41
C GLY A 177 25.88 -15.41 4.62
N LEU A 178 24.95 -16.12 3.98
CA LEU A 178 23.87 -15.49 3.21
C LEU A 178 22.58 -15.53 4.02
N TYR A 179 21.79 -14.47 3.94
CA TYR A 179 20.38 -14.54 4.33
C TYR A 179 19.51 -15.30 3.29
N LEU A 180 18.51 -16.02 3.77
CA LEU A 180 17.58 -16.76 2.94
C LEU A 180 16.18 -16.15 3.14
N PHE A 181 15.56 -15.70 2.05
CA PHE A 181 14.24 -15.08 2.05
C PHE A 181 13.32 -15.86 1.16
N LEU A 182 12.19 -16.28 1.70
CA LEU A 182 11.17 -16.99 0.93
C LEU A 182 9.93 -16.15 0.70
N ASP A 183 9.60 -15.95 -0.57
CA ASP A 183 8.40 -15.25 -1.02
C ASP A 183 7.20 -16.23 -1.03
N GLY A 184 6.24 -16.01 -0.13
CA GLY A 184 5.11 -16.90 0.04
C GLY A 184 3.81 -16.31 -0.47
N ALA A 185 3.88 -15.59 -1.58
CA ALA A 185 2.66 -15.14 -2.28
C ALA A 185 1.63 -16.28 -2.38
N ARG A 186 2.08 -17.49 -2.69
CA ARG A 186 1.25 -18.65 -2.95
C ARG A 186 1.61 -19.78 -2.03
N LEU A 187 1.87 -19.43 -0.79
CA LEU A 187 2.28 -20.38 0.19
C LEU A 187 1.11 -21.29 0.62
N ALA A 188 -0.11 -20.77 0.69
CA ALA A 188 -1.29 -21.61 0.99
C ALA A 188 -1.42 -22.78 0.03
N SER A 189 -1.30 -22.49 -1.27
CA SER A 189 -1.33 -23.53 -2.30
C SER A 189 -0.19 -24.53 -2.13
N ALA A 190 1.02 -24.03 -1.90
CA ALA A 190 2.18 -24.89 -1.74
C ALA A 190 2.04 -25.87 -0.60
N LEU A 191 1.61 -25.36 0.58
CA LEU A 191 1.62 -26.16 1.79
C LEU A 191 0.39 -27.06 1.92
N SER A 192 -0.52 -26.94 0.96
CA SER A 192 -1.73 -27.76 0.87
C SER A 192 -1.66 -28.79 -0.26
N SER A 193 -0.59 -28.76 -1.04
CA SER A 193 -0.44 -29.65 -2.17
C SER A 193 -0.15 -31.09 -1.72
N PRO A 194 -0.62 -32.09 -2.45
CA PRO A 194 -0.31 -33.49 -2.12
C PRO A 194 1.16 -33.92 -2.32
N VAL A 195 1.96 -33.15 -3.05
CA VAL A 195 3.39 -33.47 -3.15
C VAL A 195 4.23 -32.72 -2.10
N ASN A 196 3.58 -31.96 -1.21
CA ASN A 196 4.29 -31.13 -0.24
C ASN A 196 4.59 -31.87 1.03
N ASP A 197 5.78 -31.65 1.58
CA ASP A 197 6.15 -32.18 2.89
C ASP A 197 6.77 -31.13 3.83
N LEU A 198 6.64 -29.85 3.48
CA LEU A 198 6.96 -28.74 4.36
C LEU A 198 5.74 -28.24 5.15
N THR A 199 5.99 -27.81 6.39
CA THR A 199 5.03 -27.09 7.20
C THR A 199 5.55 -25.67 7.39
N LEU A 200 4.70 -24.81 7.96
CA LEU A 200 5.09 -23.43 8.23
C LEU A 200 6.24 -23.42 9.22
N ALA A 201 6.17 -24.32 10.20
CA ALA A 201 7.22 -24.47 11.21
C ALA A 201 8.59 -24.81 10.59
N ASP A 202 8.60 -25.64 9.54
CA ASP A 202 9.84 -25.93 8.80
C ASP A 202 10.42 -24.69 8.10
N ILE A 203 9.55 -23.92 7.48
CA ILE A 203 9.99 -22.72 6.82
C ILE A 203 10.57 -21.73 7.82
N ALA A 204 9.90 -21.54 8.96
CA ALA A 204 10.39 -20.67 10.02
C ALA A 204 11.71 -21.16 10.58
N ARG A 205 11.92 -22.48 10.57
CA ARG A 205 13.17 -23.03 11.03
C ARG A 205 14.32 -22.80 10.08
N LEU A 206 14.03 -22.77 8.78
CA LEU A 206 15.06 -22.84 7.75
C LEU A 206 15.39 -21.49 7.06
N THR A 207 14.60 -20.45 7.29
CA THR A 207 14.78 -19.16 6.60
C THR A 207 15.09 -18.05 7.59
N ASP A 208 15.64 -16.95 7.08
CA ASP A 208 15.92 -15.76 7.90
C ASP A 208 14.73 -14.79 7.95
N PHE A 210 10.60 -14.63 5.80
CA PHE A 210 9.69 -14.99 4.72
C PHE A 210 8.38 -14.24 4.87
N TYR A 211 7.49 -14.39 3.90
CA TYR A 211 6.16 -13.83 4.06
C TYR A 211 5.05 -14.83 3.70
N ILE A 212 3.92 -14.68 4.38
CA ILE A 212 2.71 -15.44 4.13
C ILE A 212 1.77 -14.51 3.39
N GLY A 213 1.44 -14.85 2.16
CA GLY A 213 0.54 -14.03 1.36
C GLY A 213 -0.92 -14.30 1.68
N ALA A 214 -1.70 -13.25 2.00
CA ALA A 214 -3.16 -13.38 2.11
C ALA A 214 -3.90 -12.97 0.83
N THR A 215 -3.32 -12.08 0.03
CA THR A 215 -4.01 -11.55 -1.15
C THR A 215 -4.52 -12.62 -2.10
N LYS A 216 -3.73 -13.66 -2.29
CA LYS A 216 -4.03 -14.72 -3.23
C LYS A 216 -4.66 -15.93 -2.53
N ALA A 217 -4.93 -15.81 -1.24
CA ALA A 217 -5.34 -16.96 -0.43
C ALA A 217 -6.60 -16.68 0.39
N GLY A 218 -7.31 -15.59 0.10
CA GLY A 218 -8.57 -15.31 0.77
C GLY A 218 -8.76 -13.88 1.23
N GLY A 219 -7.67 -13.12 1.37
CA GLY A 219 -7.74 -11.77 1.83
C GLY A 219 -7.86 -10.83 0.66
N PHE A 221 -6.19 -8.10 0.68
CA PHE A 221 -4.77 -7.71 0.57
C PHE A 221 -4.04 -8.26 1.77
N GLY A 222 -2.75 -7.95 1.87
CA GLY A 222 -2.02 -8.29 3.07
C GLY A 222 -0.98 -9.35 2.83
N GLU A 223 0.22 -9.09 3.32
CA GLU A 223 1.26 -10.06 3.42
C GLU A 223 1.79 -9.98 4.88
N ALA A 224 2.11 -11.12 5.47
CA ALA A 224 2.72 -11.15 6.81
C ALA A 224 4.20 -11.41 6.65
N LEU A 225 5.00 -10.36 6.71
CA LEU A 225 6.47 -10.44 6.69
C LEU A 225 6.97 -10.93 8.04
N ILE A 226 7.59 -12.11 8.06
CA ILE A 226 8.10 -12.71 9.30
C ILE A 226 9.60 -12.54 9.30
N ILE A 227 10.15 -11.91 10.33
CA ILE A 227 11.61 -11.74 10.44
C ILE A 227 12.08 -12.58 11.62
N LEU A 228 12.85 -13.61 11.30
CA LEU A 228 13.39 -14.57 12.25
C LEU A 228 14.81 -14.25 12.70
N ASN A 229 15.65 -13.78 11.79
CA ASN A 229 17.05 -13.50 12.10
C ASN A 229 17.13 -12.19 12.90
N ASP A 230 17.68 -12.28 14.10
CA ASP A 230 17.73 -11.18 15.05
C ASP A 230 18.41 -9.95 14.47
N ALA A 231 19.38 -10.15 13.58
CA ALA A 231 20.09 -9.02 12.96
C ALA A 231 19.23 -8.19 12.01
N LEU A 232 18.15 -8.77 11.46
CA LEU A 232 17.33 -8.07 10.49
C LEU A 232 16.19 -7.28 11.11
N LYS A 233 15.96 -7.49 12.39
CA LYS A 233 14.76 -6.97 13.04
C LYS A 233 14.74 -5.47 13.30
N PRO A 234 15.85 -4.85 13.77
CA PRO A 234 15.80 -3.48 14.28
C PRO A 234 15.29 -2.43 13.31
N ASN A 235 14.33 -1.65 13.79
CA ASN A 235 13.77 -0.51 13.10
C ASN A 235 13.11 -0.83 11.75
N ALA A 236 12.65 -2.07 11.58
CA ALA A 236 11.98 -2.48 10.35
C ALA A 236 10.80 -1.59 10.03
N ARG A 237 10.08 -1.11 11.05
CA ARG A 237 8.91 -0.26 10.85
C ARG A 237 9.25 1.13 10.28
N HIS A 238 10.42 1.66 10.62
CA HIS A 238 10.94 2.85 9.95
C HIS A 238 11.05 2.66 8.44
N LEU A 239 11.61 1.53 8.01
CA LEU A 239 11.80 1.25 6.59
C LEU A 239 10.45 1.04 5.89
N ILE A 240 9.55 0.34 6.56
CA ILE A 240 8.22 0.12 6.02
C ILE A 240 7.54 1.48 5.77
N LYS A 241 7.69 2.38 6.72
CA LYS A 241 7.11 3.71 6.61
C LYS A 241 7.71 4.52 5.44
N GLN A 242 9.02 4.50 5.36
CA GLN A 242 9.77 5.20 4.32
C GLN A 242 9.37 4.79 2.90
N ARG A 243 9.06 3.52 2.71
CA ARG A 243 8.66 3.01 1.40
C ARG A 243 7.18 3.09 1.10
N GLY A 244 6.43 3.76 1.99
CA GLY A 244 5.02 4.01 1.75
C GLY A 244 4.15 2.84 2.17
N ALA A 245 4.69 1.86 2.87
CA ALA A 245 3.96 0.63 3.18
C ALA A 245 3.33 0.54 4.58
N LEU A 246 3.44 1.58 5.39
CA LEU A 246 2.91 1.54 6.75
C LEU A 246 1.47 2.06 6.72
N ALA A 248 -2.11 3.26 7.41
CA ALA A 248 -2.68 4.00 8.53
C ALA A 248 -3.73 3.19 9.27
N LYS A 249 -4.70 2.64 8.55
CA LYS A 249 -5.73 1.81 9.13
C LYS A 249 -5.30 0.36 9.08
N GLY A 250 -4.21 0.09 9.78
CA GLY A 250 -3.50 -1.17 9.65
C GLY A 250 -4.20 -2.34 10.30
N TRP A 251 -5.19 -2.08 11.15
CA TRP A 251 -5.97 -3.16 11.76
C TRP A 251 -6.78 -3.94 10.74
N LEU A 252 -7.01 -3.34 9.58
CA LEU A 252 -7.70 -4.01 8.49
C LEU A 252 -6.84 -5.13 7.83
N LEU A 253 -5.51 -4.98 7.88
CA LEU A 253 -4.59 -6.05 7.43
C LEU A 253 -4.54 -7.17 8.46
N GLY A 254 -4.47 -6.79 9.74
CA GLY A 254 -4.51 -7.71 10.84
C GLY A 254 -5.76 -8.57 10.80
N ILE A 255 -6.88 -7.99 10.44
CA ILE A 255 -8.16 -8.72 10.36
C ILE A 255 -8.14 -9.87 9.34
N GLN A 256 -7.48 -9.63 8.20
CA GLN A 256 -7.31 -10.65 7.17
C GLN A 256 -6.70 -11.88 7.82
N PHE A 257 -5.60 -11.67 8.53
CA PHE A 257 -4.85 -12.78 9.11
C PHE A 257 -5.51 -13.35 10.34
N GLU A 258 -6.25 -12.52 11.08
CA GLU A 258 -6.92 -13.00 12.27
C GLU A 258 -7.96 -14.06 11.85
N VAL A 259 -8.61 -13.87 10.70
CA VAL A 259 -9.59 -14.82 10.19
C VAL A 259 -8.90 -15.99 9.46
N LEU A 260 -7.92 -15.71 8.60
CA LEU A 260 -7.32 -16.75 7.77
C LEU A 260 -6.48 -17.76 8.55
N LYS A 262 -6.84 -18.72 11.54
CA LYS A 262 -7.62 -19.37 12.59
C LYS A 262 -8.31 -20.63 12.05
N ASP A 263 -8.27 -21.71 12.84
CA ASP A 263 -8.93 -22.98 12.53
C ASP A 263 -8.57 -23.58 11.18
N ASN A 264 -7.32 -23.43 10.75
CA ASN A 264 -6.85 -24.06 9.51
C ASN A 264 -7.44 -23.46 8.22
N LEU A 265 -8.15 -22.34 8.30
CA LEU A 265 -8.84 -21.79 7.11
C LEU A 265 -7.87 -21.60 5.95
N PHE A 266 -6.72 -21.02 6.21
CA PHE A 266 -5.69 -20.73 5.21
C PHE A 266 -5.39 -21.99 4.39
N PHE A 267 -5.22 -23.12 5.06
CA PHE A 267 -4.88 -24.37 4.40
C PHE A 267 -6.05 -25.06 3.71
N GLU A 268 -7.24 -24.92 4.27
CA GLU A 268 -8.48 -25.44 3.67
C GLU A 268 -8.78 -24.70 2.36
N LEU A 269 -8.58 -23.39 2.32
CA LEU A 269 -8.74 -22.63 1.10
C LEU A 269 -7.64 -23.01 0.09
N GLY A 270 -6.44 -23.21 0.58
CA GLY A 270 -5.34 -23.67 -0.25
C GLY A 270 -5.67 -25.03 -0.86
N ALA A 271 -6.28 -25.92 -0.07
CA ALA A 271 -6.59 -27.26 -0.53
C ALA A 271 -7.60 -27.17 -1.65
N HIS A 272 -8.64 -26.34 -1.47
CA HIS A 272 -9.63 -26.11 -2.51
C HIS A 272 -9.06 -25.61 -3.82
N SER A 273 -8.12 -24.65 -3.78
CA SER A 273 -7.54 -24.13 -4.99
C SER A 273 -6.78 -25.24 -5.73
N ASN A 274 -6.08 -26.09 -4.98
CA ASN A 274 -5.37 -27.23 -5.58
C ASN A 274 -6.28 -28.32 -6.13
N LYS A 275 -7.40 -28.56 -5.46
CA LYS A 275 -8.39 -29.53 -5.92
C LYS A 275 -8.99 -29.03 -7.25
N ALA A 277 -7.55 -27.02 -9.49
CA ALA A 277 -6.52 -27.14 -10.53
C ALA A 277 -6.32 -28.60 -10.97
N ALA A 278 -6.41 -29.52 -10.01
CA ALA A 278 -6.39 -30.97 -10.30
C ALA A 278 -7.51 -31.42 -11.25
N ILE A 279 -8.72 -30.89 -11.10
CA ILE A 279 -9.82 -31.13 -12.07
C ILE A 279 -9.41 -30.64 -13.48
N LEU A 280 -8.86 -29.44 -13.58
CA LEU A 280 -8.43 -28.90 -14.88
C LEU A 280 -7.31 -29.76 -15.48
N LYS A 281 -6.40 -30.20 -14.63
CA LYS A 281 -5.25 -30.98 -15.06
C LYS A 281 -5.65 -32.36 -15.58
N ALA A 282 -6.52 -33.05 -14.84
CA ALA A 282 -7.09 -34.33 -15.31
C ALA A 282 -7.78 -34.18 -16.66
N GLY A 283 -8.52 -33.10 -16.83
CA GLY A 283 -9.13 -32.82 -18.12
C GLY A 283 -8.13 -32.57 -19.23
N LEU A 284 -7.11 -31.75 -18.94
CA LEU A 284 -6.08 -31.48 -19.91
C LEU A 284 -5.35 -32.75 -20.36
N GLU A 285 -5.08 -33.66 -19.42
CA GLU A 285 -4.26 -34.85 -19.68
C GLU A 285 -5.08 -35.91 -20.40
N ALA A 286 -6.39 -35.91 -20.19
CA ALA A 286 -7.28 -36.83 -20.91
C ALA A 286 -7.42 -36.42 -22.38
N CYS A 287 -7.17 -35.15 -22.69
CA CYS A 287 -7.20 -34.64 -24.07
C CYS A 287 -5.85 -34.58 -24.80
N GLY A 288 -4.79 -35.11 -24.18
CA GLY A 288 -3.48 -35.20 -24.80
C GLY A 288 -2.70 -33.89 -24.83
N ILE A 289 -3.07 -32.96 -23.96
CA ILE A 289 -2.41 -31.66 -23.89
C ILE A 289 -1.31 -31.69 -22.85
N ARG A 290 -0.13 -31.20 -23.22
CA ARG A 290 1.03 -31.22 -22.35
C ARG A 290 1.17 -29.92 -21.60
N LEU A 291 1.66 -30.01 -20.36
CA LEU A 291 1.98 -28.83 -19.57
C LEU A 291 3.46 -28.53 -19.72
N ALA A 292 3.78 -27.24 -19.78
CA ALA A 292 5.15 -26.77 -19.89
C ALA A 292 5.97 -27.00 -18.60
N TRP A 293 5.32 -27.02 -17.44
CA TRP A 293 5.98 -27.44 -16.21
C TRP A 293 5.10 -28.43 -15.44
N PRO A 294 5.71 -29.32 -14.66
CA PRO A 294 4.94 -30.15 -13.72
C PRO A 294 4.20 -29.26 -12.69
N SER A 295 3.03 -29.73 -12.24
CA SER A 295 2.21 -28.94 -11.34
C SER A 295 1.43 -29.82 -10.41
N ALA A 296 1.48 -29.48 -9.12
CA ALA A 296 0.52 -30.00 -8.17
C ALA A 296 -0.01 -28.85 -7.36
N SER A 297 -0.11 -27.67 -7.98
CA SER A 297 -0.49 -26.47 -7.25
C SER A 297 -1.65 -25.75 -7.98
N ASN A 298 -1.86 -24.48 -7.70
CA ASN A 298 -2.98 -23.74 -8.26
C ASN A 298 -2.69 -23.08 -9.63
N GLN A 299 -1.55 -23.39 -10.24
CA GLN A 299 -1.19 -22.89 -11.56
C GLN A 299 -0.91 -24.02 -12.54
N LEU A 300 -1.42 -23.90 -13.77
CA LEU A 300 -1.14 -24.84 -14.83
C LEU A 300 -0.67 -24.06 -16.06
N PHE A 301 0.23 -24.65 -16.81
CA PHE A 301 0.78 -23.99 -17.97
C PHE A 301 0.61 -24.87 -19.20
N PRO A 302 -0.64 -25.08 -19.65
CA PRO A 302 -0.91 -25.91 -20.82
C PRO A 302 -0.39 -25.31 -22.12
N ILE A 303 0.07 -26.16 -23.04
CA ILE A 303 0.47 -25.74 -24.38
C ILE A 303 -0.67 -26.09 -25.34
N LEU A 304 -1.37 -25.04 -25.79
CA LEU A 304 -2.58 -25.18 -26.59
C LEU A 304 -2.38 -24.59 -27.97
N GLU A 305 -2.97 -25.23 -28.98
CA GLU A 305 -2.95 -24.69 -30.35
C GLU A 305 -3.74 -23.37 -30.40
N ASN A 306 -3.25 -22.40 -31.19
CA ASN A 306 -3.87 -21.08 -31.32
C ASN A 306 -5.35 -21.10 -31.73
N THR A 307 -5.72 -22.07 -32.58
CA THR A 307 -7.12 -22.24 -33.01
C THR A 307 -8.01 -22.63 -31.83
N ILE A 309 -7.35 -21.96 -28.73
CA ILE A 309 -7.35 -20.86 -27.78
C ILE A 309 -8.46 -19.85 -28.12
N ALA A 310 -8.61 -19.53 -29.40
CA ALA A 310 -9.64 -18.60 -29.88
C ALA A 310 -11.05 -19.08 -29.58
N GLU A 311 -11.25 -20.39 -29.61
CA GLU A 311 -12.54 -21.03 -29.27
C GLU A 311 -12.78 -21.09 -27.76
N LEU A 312 -11.75 -21.42 -26.99
CA LEU A 312 -11.86 -21.40 -25.53
C LEU A 312 -12.11 -20.01 -24.96
N ASN A 313 -11.57 -18.99 -25.62
CA ASN A 313 -11.74 -17.58 -25.25
C ASN A 313 -13.18 -17.09 -25.27
N ASN A 314 -14.04 -17.75 -26.02
CA ASN A 314 -15.47 -17.47 -25.98
C ASN A 314 -16.12 -17.70 -24.61
N ASP A 315 -15.56 -18.59 -23.80
CA ASP A 315 -16.16 -18.96 -22.51
C ASP A 315 -15.27 -18.81 -21.29
N PHE A 316 -13.96 -18.69 -21.48
CA PHE A 316 -13.04 -18.53 -20.35
C PHE A 316 -11.94 -17.53 -20.71
N ASP A 317 -11.52 -16.75 -19.72
CA ASP A 317 -10.36 -15.88 -19.87
C ASP A 317 -9.15 -16.61 -19.30
N TYR A 319 -4.54 -16.42 -19.26
CA TYR A 319 -3.36 -15.59 -19.41
C TYR A 319 -2.43 -16.16 -20.49
N THR A 320 -2.02 -15.31 -21.42
CA THR A 320 -1.06 -15.73 -22.44
C THR A 320 0.36 -15.49 -21.91
N VAL A 321 1.15 -16.56 -21.85
CA VAL A 321 2.48 -16.49 -21.24
C VAL A 321 3.53 -16.24 -22.31
N GLU A 322 3.52 -17.05 -23.36
CA GLU A 322 4.51 -16.93 -24.42
C GLU A 322 4.06 -17.64 -25.69
N PRO A 323 3.70 -16.88 -26.73
CA PRO A 323 3.45 -17.46 -28.06
C PRO A 323 4.68 -18.16 -28.61
N LEU A 324 4.46 -19.24 -29.38
CA LEU A 324 5.53 -20.03 -29.98
C LEU A 324 5.35 -20.11 -31.49
N LYS A 325 6.47 -20.23 -32.21
CA LYS A 325 6.49 -20.19 -33.66
C LYS A 325 5.73 -21.32 -34.38
N ASP A 326 5.48 -22.43 -33.69
CA ASP A 326 4.80 -23.60 -34.28
C ASP A 326 3.27 -23.59 -34.20
N GLY A 327 2.68 -22.40 -34.12
CA GLY A 327 1.24 -22.25 -34.02
C GLY A 327 0.63 -22.65 -32.66
N THR A 328 1.40 -22.51 -31.58
CA THR A 328 0.91 -22.76 -30.21
C THR A 328 1.35 -21.69 -29.23
N CYS A 329 0.66 -21.61 -28.08
CA CYS A 329 1.06 -20.76 -26.98
C CYS A 329 1.14 -21.53 -25.67
N ILE A 330 2.02 -21.07 -24.79
CA ILE A 330 1.99 -21.44 -23.41
C ILE A 330 0.96 -20.53 -22.78
N ARG A 332 -1.49 -19.81 -19.20
CA ARG A 332 -1.57 -20.08 -17.77
C ARG A 332 -3.02 -20.11 -17.37
N LEU A 333 -3.38 -21.18 -16.63
CA LEU A 333 -4.62 -21.25 -15.89
C LEU A 333 -4.29 -21.14 -14.42
N CYS A 334 -5.07 -20.35 -13.70
CA CYS A 334 -4.90 -20.10 -12.29
C CYS A 334 -6.21 -20.30 -11.54
N THR A 335 -6.20 -21.05 -10.44
CA THR A 335 -7.36 -21.20 -9.59
C THR A 335 -7.06 -20.57 -8.25
N SER A 336 -8.11 -20.43 -7.45
CA SER A 336 -7.98 -19.88 -6.11
C SER A 336 -9.04 -20.45 -5.19
N TRP A 337 -8.95 -20.01 -3.95
CA TRP A 337 -9.98 -20.26 -2.92
C TRP A 337 -11.39 -19.98 -3.39
N ALA A 338 -11.54 -19.00 -4.28
CA ALA A 338 -12.85 -18.58 -4.79
C ALA A 338 -13.32 -19.29 -6.06
N THR A 339 -12.48 -20.09 -6.70
CA THR A 339 -12.86 -20.75 -7.94
C THR A 339 -14.08 -21.69 -7.78
N GLU A 340 -15.03 -21.55 -8.70
CA GLU A 340 -16.25 -22.38 -8.69
C GLU A 340 -15.95 -23.72 -9.33
N GLU A 341 -16.14 -24.80 -8.55
CA GLU A 341 -15.93 -26.15 -9.08
C GLU A 341 -16.71 -26.42 -10.38
N LYS A 342 -17.94 -25.95 -10.45
CA LYS A 342 -18.78 -26.10 -11.65
C LYS A 342 -18.12 -25.50 -12.90
N GLU A 343 -17.38 -24.40 -12.74
CA GLU A 343 -16.71 -23.76 -13.87
C GLU A 343 -15.52 -24.62 -14.31
N CYS A 344 -14.84 -25.26 -13.37
CA CYS A 344 -13.76 -26.17 -13.73
C CYS A 344 -14.24 -27.37 -14.53
N HIS A 345 -15.38 -27.96 -14.13
CA HIS A 345 -15.95 -29.09 -14.88
C HIS A 345 -16.45 -28.63 -16.26
N ARG A 346 -16.96 -27.41 -16.33
CA ARG A 346 -17.40 -26.85 -17.60
C ARG A 346 -16.23 -26.67 -18.56
N PHE A 347 -15.15 -26.08 -18.06
CA PHE A 347 -13.95 -25.93 -18.86
C PHE A 347 -13.58 -27.28 -19.48
N VAL A 348 -13.48 -28.31 -18.63
CA VAL A 348 -13.04 -29.63 -19.10
C VAL A 348 -13.99 -30.20 -20.16
N GLU A 349 -15.28 -29.99 -19.97
CA GLU A 349 -16.30 -30.47 -20.90
C GLU A 349 -16.22 -29.74 -22.23
N VAL A 350 -16.04 -28.43 -22.17
CA VAL A 350 -15.82 -27.63 -23.38
C VAL A 350 -14.55 -28.09 -24.11
N LEU A 351 -13.48 -28.29 -23.37
CA LEU A 351 -12.20 -28.73 -23.89
C LEU A 351 -12.29 -30.09 -24.57
N LYS A 352 -12.96 -31.06 -23.93
CA LYS A 352 -13.08 -32.41 -24.48
C LYS A 352 -13.74 -32.39 -25.85
N ARG A 353 -14.67 -31.46 -26.04
CA ARG A 353 -15.45 -31.40 -27.28
C ARG A 353 -14.75 -30.59 -28.39
N LEU A 354 -13.78 -29.75 -28.03
CA LEU A 354 -12.90 -29.12 -29.01
C LEU A 354 -11.92 -30.13 -29.64
N PRO B 15 -12.38 5.03 26.86
CA PRO B 15 -11.99 6.46 26.61
C PRO B 15 -12.18 6.82 25.14
N TYR B 16 -12.99 7.84 24.87
CA TYR B 16 -13.23 8.26 23.49
C TYR B 16 -12.01 8.96 22.92
N SER B 17 -11.64 8.60 21.69
CA SER B 17 -10.48 9.13 21.00
C SER B 17 -10.74 10.33 20.03
N PHE B 18 -9.94 11.37 20.23
CA PHE B 18 -9.85 12.52 19.35
C PHE B 18 -8.41 12.58 18.81
N VAL B 19 -7.76 11.42 18.69
CA VAL B 19 -6.35 11.37 18.35
C VAL B 19 -6.12 11.73 16.89
N ASN B 20 -6.96 11.22 16.00
CA ASN B 20 -6.74 11.41 14.57
C ASN B 20 -8.02 11.21 13.78
N ASP B 21 -7.94 11.39 12.45
CA ASP B 21 -9.10 11.23 11.57
C ASP B 21 -9.07 9.93 10.73
N TYR B 22 -8.46 8.88 11.29
CA TYR B 22 -8.41 7.54 10.67
C TYR B 22 -8.48 6.48 11.76
N SER B 23 -9.40 6.63 12.70
CA SER B 23 -9.56 5.66 13.79
C SER B 23 -10.69 4.66 13.59
N VAL B 24 -11.56 4.94 12.63
CA VAL B 24 -12.72 4.10 12.33
C VAL B 24 -12.60 3.62 10.87
N GLY B 25 -13.15 2.45 10.57
CA GLY B 25 -12.89 1.75 9.33
C GLY B 25 -13.33 2.46 8.06
N HIS B 27 -17.03 4.42 5.88
CA HIS B 27 -18.40 4.84 5.88
C HIS B 27 -19.28 3.63 5.54
N PRO B 28 -20.38 3.42 6.23
CA PRO B 28 -21.28 2.27 5.94
C PRO B 28 -21.68 2.06 4.46
N LYS B 29 -21.83 3.12 3.67
CA LYS B 29 -22.15 2.99 2.25
C LYS B 29 -21.02 2.36 1.43
N ILE B 30 -19.77 2.66 1.77
CA ILE B 30 -18.64 1.99 1.11
C ILE B 30 -18.63 0.52 1.46
N LEU B 31 -18.73 0.22 2.74
CA LEU B 31 -18.83 -1.15 3.21
C LEU B 31 -19.99 -1.90 2.54
N ASP B 32 -21.10 -1.23 2.29
CA ASP B 32 -22.26 -1.85 1.67
C ASP B 32 -21.95 -2.27 0.24
N LEU B 33 -21.24 -1.42 -0.51
CA LEU B 33 -20.93 -1.74 -1.89
C LEU B 33 -19.92 -2.90 -1.96
N ALA B 35 -19.59 -5.27 0.17
CA ALA B 35 -20.38 -6.45 0.51
C ALA B 35 -21.20 -7.01 -0.66
N ARG B 36 -21.83 -6.13 -1.42
CA ARG B 36 -22.74 -6.56 -2.50
C ARG B 36 -21.92 -7.03 -3.69
N ASP B 37 -20.79 -6.38 -3.89
CA ASP B 37 -19.84 -6.68 -4.97
C ASP B 37 -19.03 -7.97 -4.76
N ASN B 38 -18.88 -8.40 -3.51
CA ASN B 38 -18.01 -9.53 -3.19
C ASN B 38 -18.44 -10.79 -3.96
N THR B 40 -17.85 -11.23 -7.17
CA THR B 40 -17.79 -10.84 -8.58
C THR B 40 -16.30 -10.80 -8.99
N GLN B 41 -15.99 -11.30 -10.18
CA GLN B 41 -14.63 -11.31 -10.70
C GLN B 41 -14.27 -9.98 -11.37
N HIS B 42 -13.05 -9.50 -11.15
CA HIS B 42 -12.56 -8.24 -11.69
C HIS B 42 -11.17 -8.37 -12.22
N ALA B 43 -10.81 -7.53 -13.18
CA ALA B 43 -9.43 -7.45 -13.68
C ALA B 43 -8.61 -6.72 -12.61
N GLY B 44 -7.32 -7.03 -12.53
CA GLY B 44 -6.46 -6.44 -11.51
C GLY B 44 -5.79 -5.11 -11.85
N TYR B 45 -5.15 -4.54 -10.83
CA TYR B 45 -4.20 -3.43 -10.96
C TYR B 45 -4.87 -2.15 -11.44
N GLY B 46 -6.11 -1.92 -11.01
CA GLY B 46 -6.84 -0.73 -11.39
C GLY B 46 -7.41 -0.72 -12.81
N GLN B 47 -7.37 -1.84 -13.54
CA GLN B 47 -7.92 -1.94 -14.92
C GLN B 47 -9.37 -2.42 -14.93
N ASP B 48 -10.10 -2.07 -13.90
CA ASP B 48 -11.44 -2.60 -13.67
C ASP B 48 -12.48 -1.51 -13.83
N SER B 49 -13.73 -1.94 -13.71
CA SER B 49 -14.92 -1.10 -13.87
C SER B 49 -15.16 -0.03 -12.80
N HIS B 50 -14.90 -0.37 -11.54
CA HIS B 50 -15.09 0.58 -10.44
C HIS B 50 -14.10 1.77 -10.54
N CYS B 51 -12.86 1.49 -10.88
CA CYS B 51 -11.85 2.55 -11.03
C CYS B 51 -12.18 3.44 -12.23
N ALA B 52 -12.74 2.85 -13.28
CA ALA B 52 -13.17 3.59 -14.46
C ALA B 52 -14.30 4.56 -14.10
N LYS B 53 -15.30 4.07 -13.37
CA LYS B 53 -16.41 4.94 -12.95
C LYS B 53 -15.95 6.05 -11.99
N ALA B 54 -15.14 5.70 -10.99
CA ALA B 54 -14.59 6.68 -10.04
C ALA B 54 -13.81 7.78 -10.76
N ALA B 55 -12.92 7.37 -11.66
CA ALA B 55 -12.12 8.27 -12.48
C ALA B 55 -12.98 9.24 -13.31
N ARG B 56 -14.15 8.78 -13.76
CA ARG B 56 -15.04 9.61 -14.58
C ARG B 56 -15.78 10.64 -13.74
N LEU B 57 -16.23 10.23 -12.55
CA LEU B 57 -16.89 11.14 -11.62
C LEU B 57 -15.91 12.23 -11.21
N ILE B 58 -14.66 11.84 -10.99
CA ILE B 58 -13.66 12.79 -10.55
C ILE B 58 -13.43 13.79 -11.68
N GLY B 59 -13.27 13.29 -12.90
CA GLY B 59 -13.08 14.14 -14.05
C GLY B 59 -14.16 15.19 -14.18
N GLU B 60 -15.40 14.85 -13.86
CA GLU B 60 -16.53 15.76 -13.99
C GLU B 60 -16.58 16.79 -12.85
N LEU B 61 -16.20 16.40 -11.65
CA LEU B 61 -16.13 17.35 -10.53
C LEU B 61 -15.03 18.39 -10.75
N LEU B 62 -13.93 17.97 -11.38
CA LEU B 62 -12.82 18.88 -11.70
C LEU B 62 -13.05 19.69 -12.99
N GLU B 63 -14.03 19.27 -13.78
CA GLU B 63 -14.26 19.81 -15.14
C GLU B 63 -13.04 19.63 -16.04
N ARG B 64 -12.28 18.56 -15.81
CA ARG B 64 -11.16 18.20 -16.66
C ARG B 64 -11.24 16.70 -16.90
N PRO B 65 -12.00 16.27 -17.91
CA PRO B 65 -12.09 14.84 -18.25
C PRO B 65 -10.80 14.29 -18.89
N ASP B 66 -9.88 15.17 -19.30
CA ASP B 66 -8.57 14.78 -19.83
C ASP B 66 -7.50 14.45 -18.77
N ALA B 67 -7.81 14.66 -17.50
CA ALA B 67 -6.87 14.37 -16.43
C ALA B 67 -6.70 12.86 -16.24
N ASP B 68 -5.46 12.44 -15.99
CA ASP B 68 -5.17 11.07 -15.62
C ASP B 68 -5.41 10.90 -14.14
N VAL B 69 -6.20 9.90 -13.78
CA VAL B 69 -6.52 9.63 -12.38
C VAL B 69 -5.92 8.28 -12.03
N HIS B 70 -5.14 8.23 -10.95
CA HIS B 70 -4.52 6.98 -10.50
C HIS B 70 -4.87 6.75 -9.06
N PHE B 71 -5.31 5.55 -8.76
CA PHE B 71 -5.71 5.21 -7.42
C PHE B 71 -4.56 4.49 -6.72
N ILE B 72 -4.23 5.01 -5.54
CA ILE B 72 -3.06 4.61 -4.74
C ILE B 72 -3.50 4.53 -3.27
N SER B 73 -2.90 3.64 -2.49
CA SER B 73 -3.44 3.29 -1.19
C SER B 73 -3.19 4.31 -0.06
N GLY B 74 -2.04 4.96 -0.01
CA GLY B 74 -1.69 5.81 1.11
C GLY B 74 -1.05 7.13 0.71
N GLY B 75 -0.98 8.07 1.65
CA GLY B 75 -0.55 9.43 1.39
C GLY B 75 0.95 9.56 1.23
N THR B 76 1.72 8.81 2.01
CA THR B 76 3.18 8.82 1.90
C THR B 76 3.57 8.25 0.55
N GLN B 77 2.87 7.19 0.16
CA GLN B 77 3.01 6.51 -1.12
C GLN B 77 2.77 7.47 -2.25
N THR B 78 1.69 8.24 -2.13
CA THR B 78 1.34 9.20 -3.15
C THR B 78 2.37 10.32 -3.26
N ASN B 79 2.83 10.85 -2.13
CA ASN B 79 3.78 11.96 -2.14
C ASN B 79 5.10 11.53 -2.80
N LEU B 80 5.57 10.32 -2.48
CA LEU B 80 6.86 9.87 -2.99
C LEU B 80 6.80 9.56 -4.48
N ILE B 81 5.67 9.03 -4.96
CA ILE B 81 5.44 8.82 -6.39
C ILE B 81 5.40 10.14 -7.15
N ALA B 82 4.66 11.12 -6.62
CA ALA B 82 4.55 12.43 -7.24
C ALA B 82 5.90 13.17 -7.38
N CYS B 83 6.70 13.17 -6.32
CA CYS B 83 8.04 13.75 -6.41
C CYS B 83 8.89 13.01 -7.45
N SER B 84 8.79 11.69 -7.48
CA SER B 84 9.59 10.87 -8.39
C SER B 84 9.22 11.10 -9.85
N LEU B 85 7.95 11.40 -10.10
CA LEU B 85 7.44 11.68 -11.45
C LEU B 85 7.94 13.01 -11.96
N ALA B 86 8.01 13.99 -11.05
CA ALA B 86 8.22 15.36 -11.44
C ALA B 86 9.69 15.78 -11.46
N LEU B 87 10.58 15.03 -10.79
CA LEU B 87 11.95 15.52 -10.58
C LEU B 87 13.05 14.68 -11.26
N ARG B 88 14.01 15.35 -11.89
CA ARG B 88 15.27 14.74 -12.31
C ARG B 88 16.18 14.64 -11.11
N PRO B 89 17.26 13.86 -11.18
CA PRO B 89 18.08 13.55 -10.00
C PRO B 89 18.67 14.75 -9.27
N TRP B 90 18.95 15.84 -9.97
CA TRP B 90 19.54 17.03 -9.36
C TRP B 90 18.50 18.09 -9.00
N GLU B 91 17.23 17.75 -9.17
CA GLU B 91 16.12 18.65 -8.82
C GLU B 91 15.53 18.35 -7.45
N ALA B 92 14.83 19.34 -6.91
CA ALA B 92 14.36 19.29 -5.53
C ALA B 92 12.95 19.85 -5.39
N VAL B 93 12.32 19.55 -4.25
CA VAL B 93 10.98 20.00 -3.94
C VAL B 93 11.05 21.04 -2.83
N ILE B 94 10.27 22.11 -2.98
CA ILE B 94 10.14 23.17 -2.00
C ILE B 94 8.90 22.89 -1.16
N ALA B 95 9.04 23.03 0.16
CA ALA B 95 7.97 22.79 1.11
C ALA B 95 8.17 23.61 2.37
N THR B 96 7.16 23.72 3.20
CA THR B 96 7.34 24.33 4.51
C THR B 96 8.03 23.34 5.42
N GLN B 97 8.57 23.84 6.51
CA GLN B 97 9.19 23.01 7.53
C GLN B 97 8.20 22.08 8.20
N LEU B 98 6.92 22.45 8.19
CA LEU B 98 5.84 21.65 8.79
C LEU B 98 5.16 20.69 7.80
N GLY B 99 5.54 20.75 6.53
CA GLY B 99 4.99 19.86 5.53
C GLY B 99 5.20 18.38 5.87
N HIS B 100 4.29 17.55 5.40
CA HIS B 100 4.34 16.13 5.70
C HIS B 100 5.61 15.50 5.16
N ILE B 101 5.99 15.86 3.93
CA ILE B 101 7.21 15.33 3.34
C ILE B 101 8.51 15.81 3.98
N SER B 102 8.46 16.86 4.80
CA SER B 102 9.66 17.37 5.48
C SER B 102 9.87 16.76 6.87
N THR B 103 8.84 16.07 7.38
CA THR B 103 8.83 15.71 8.80
C THR B 103 8.50 14.24 9.06
N HIS B 104 7.37 13.77 8.52
CA HIS B 104 6.66 12.61 9.02
C HIS B 104 6.55 11.50 7.98
N GLU B 105 7.59 11.35 7.16
CA GLU B 105 7.61 10.31 6.14
C GLU B 105 8.87 9.44 6.19
N THR B 106 9.62 9.54 7.28
CA THR B 106 10.88 8.81 7.45
C THR B 106 11.79 8.94 6.25
N GLY B 107 11.85 10.15 5.71
CA GLY B 107 12.77 10.47 4.64
C GLY B 107 12.44 9.78 3.35
N ALA B 108 11.15 9.58 3.10
CA ALA B 108 10.69 8.90 1.90
C ALA B 108 11.13 9.62 0.62
N ILE B 109 11.05 10.94 0.59
CA ILE B 109 11.46 11.67 -0.61
C ILE B 109 12.97 11.56 -0.83
N GLU B 110 13.73 11.71 0.25
CA GLU B 110 15.18 11.50 0.19
C GLU B 110 15.55 10.08 -0.26
N ALA B 111 14.72 9.09 0.08
CA ALA B 111 14.97 7.71 -0.34
C ALA B 111 14.72 7.50 -1.83
N THR B 112 13.96 8.41 -2.46
CA THR B 112 13.87 8.42 -3.93
C THR B 112 15.01 9.18 -4.62
N GLY B 113 15.90 9.78 -3.85
CA GLY B 113 17.07 10.47 -4.38
C GLY B 113 16.97 12.00 -4.41
N HIS B 114 15.93 12.59 -3.81
CA HIS B 114 15.72 14.03 -3.94
C HIS B 114 15.71 14.79 -2.63
N LYS B 115 16.13 16.05 -2.67
CA LYS B 115 16.20 16.88 -1.48
C LYS B 115 14.89 17.63 -1.35
N VAL B 116 14.47 17.82 -0.10
CA VAL B 116 13.38 18.69 0.26
C VAL B 116 13.96 20.00 0.81
N VAL B 117 13.79 21.09 0.07
CA VAL B 117 14.24 22.39 0.50
C VAL B 117 13.11 23.07 1.25
N THR B 118 13.34 23.43 2.51
CA THR B 118 12.28 23.92 3.37
C THR B 118 12.31 25.42 3.57
N ALA B 119 11.16 25.95 3.94
CA ALA B 119 11.01 27.35 4.30
C ALA B 119 10.30 27.43 5.66
N PRO B 120 10.82 28.28 6.55
CA PRO B 120 10.24 28.46 7.88
C PRO B 120 8.98 29.31 7.78
N CYS B 121 7.82 28.66 7.85
CA CYS B 121 6.51 29.31 7.74
C CYS B 121 5.70 28.90 8.95
N PRO B 122 5.68 29.72 10.00
CA PRO B 122 5.11 29.31 11.28
C PRO B 122 3.63 28.88 11.26
N ASP B 123 2.85 29.33 10.29
CA ASP B 123 1.43 28.98 10.19
C ASP B 123 1.16 27.89 9.12
N GLY B 124 2.22 27.21 8.69
CA GLY B 124 2.10 26.06 7.81
C GLY B 124 1.78 26.32 6.35
N LYS B 125 1.71 27.58 5.96
CA LYS B 125 1.33 27.97 4.59
C LYS B 125 2.56 28.54 3.86
N LEU B 126 2.82 28.04 2.65
CA LEU B 126 3.84 28.62 1.78
C LEU B 126 3.32 29.94 1.24
N ARG B 127 4.22 30.88 1.03
CA ARG B 127 3.93 32.13 0.32
C ARG B 127 4.90 32.30 -0.84
N VAL B 128 4.61 33.27 -1.70
CA VAL B 128 5.43 33.52 -2.89
C VAL B 128 6.84 33.94 -2.49
N ALA B 129 6.96 34.76 -1.45
CA ALA B 129 8.27 35.22 -0.97
C ALA B 129 9.18 34.03 -0.58
N ASP B 130 8.58 32.98 -0.03
CA ASP B 130 9.31 31.76 0.33
C ASP B 130 9.85 31.01 -0.89
N ILE B 131 9.02 30.90 -1.92
CA ILE B 131 9.41 30.23 -3.15
C ILE B 131 10.58 30.98 -3.77
N GLU B 132 10.40 32.29 -3.94
CA GLU B 132 11.41 33.18 -4.48
C GLU B 132 12.74 33.09 -3.72
N SER B 133 12.66 33.05 -2.41
CA SER B 133 13.84 33.01 -1.56
C SER B 133 14.52 31.64 -1.68
N ALA B 134 13.75 30.58 -1.89
CA ALA B 134 14.33 29.26 -2.14
C ALA B 134 15.08 29.23 -3.48
N LEU B 135 14.57 29.97 -4.47
CA LEU B 135 15.17 29.99 -5.80
C LEU B 135 16.44 30.82 -5.83
N HIS B 136 16.50 31.83 -4.96
CA HIS B 136 17.67 32.69 -4.86
C HIS B 136 18.80 31.95 -4.12
N GLU B 137 18.48 31.22 -3.05
CA GLU B 137 19.49 30.57 -2.23
C GLU B 137 20.15 29.40 -2.97
N ASN B 138 19.42 28.81 -3.91
CA ASN B 138 19.86 27.60 -4.60
C ASN B 138 20.25 27.90 -6.03
N ARG B 139 21.54 28.17 -6.25
CA ARG B 139 22.07 28.58 -7.55
C ARG B 139 23.41 27.88 -7.84
N SER B 140 23.73 27.80 -9.13
CA SER B 140 24.98 27.23 -9.64
C SER B 140 24.89 25.72 -9.74
N GLU B 141 25.85 25.13 -10.42
CA GLU B 141 25.92 23.68 -10.58
C GLU B 141 26.23 22.93 -9.28
N HIS B 142 26.59 23.67 -8.22
CA HIS B 142 26.97 23.14 -6.91
C HIS B 142 25.78 22.98 -5.97
N VAL B 144 21.32 21.99 -5.70
CA VAL B 144 20.12 21.45 -6.32
C VAL B 144 19.34 22.56 -7.03
N ILE B 145 18.51 22.16 -7.99
CA ILE B 145 17.58 23.06 -8.68
C ILE B 145 16.16 22.79 -8.17
N PRO B 146 15.53 23.75 -7.51
CA PRO B 146 14.14 23.56 -7.11
C PRO B 146 13.25 23.51 -8.35
N LYS B 147 12.39 22.50 -8.42
CA LYS B 147 11.57 22.27 -9.61
C LYS B 147 10.11 21.97 -9.30
N LEU B 148 9.80 21.53 -8.08
CA LEU B 148 8.45 21.18 -7.65
C LEU B 148 8.14 21.93 -6.37
N VAL B 149 6.92 22.44 -6.26
CA VAL B 149 6.44 23.09 -5.05
C VAL B 149 5.35 22.20 -4.45
N TYR B 150 5.46 21.96 -3.14
CA TYR B 150 4.55 21.09 -2.41
C TYR B 150 3.79 21.90 -1.38
N ILE B 151 2.45 21.86 -1.47
CA ILE B 151 1.58 22.47 -0.48
C ILE B 151 0.54 21.46 -0.03
N SER B 152 -0.03 21.69 1.15
CA SER B 152 -1.05 20.82 1.72
C SER B 152 -2.31 21.63 2.07
N ASN B 153 -3.47 21.08 1.76
CA ASN B 153 -4.77 21.72 2.05
C ASN B 153 -5.79 20.68 2.57
N THR B 154 -6.12 20.68 3.86
CA THR B 154 -5.56 21.60 4.86
C THR B 154 -4.09 21.30 5.14
N THR B 155 -3.44 22.22 5.84
CA THR B 155 -2.06 22.01 6.20
C THR B 155 -2.01 21.11 7.41
N GLU B 156 -0.79 20.80 7.82
CA GLU B 156 -0.52 19.90 8.91
C GLU B 156 -0.81 20.57 10.26
N VAL B 157 -1.06 21.88 10.27
CA VAL B 157 -1.45 22.59 11.51
C VAL B 157 -2.89 23.14 11.46
N GLY B 158 -3.68 22.63 10.52
CA GLY B 158 -5.10 22.90 10.45
C GLY B 158 -5.51 24.17 9.71
N THR B 159 -4.57 25.04 9.36
CA THR B 159 -4.88 26.20 8.50
C THR B 159 -5.09 25.73 7.08
N GLN B 160 -5.51 26.63 6.22
CA GLN B 160 -5.80 26.31 4.83
C GLN B 160 -5.69 27.53 3.92
N TYR B 161 -5.55 27.27 2.62
CA TYR B 161 -5.30 28.30 1.61
C TYR B 161 -6.59 28.83 1.05
N THR B 162 -6.62 30.14 0.80
CA THR B 162 -7.74 30.78 0.09
C THR B 162 -7.44 30.66 -1.40
N LYS B 163 -8.42 31.01 -2.22
CA LYS B 163 -8.29 30.91 -3.67
C LYS B 163 -7.28 31.92 -4.19
N GLN B 164 -7.16 33.06 -3.51
CA GLN B 164 -6.24 34.10 -3.95
C GLN B 164 -4.80 33.66 -3.64
N GLU B 165 -4.60 33.11 -2.46
CA GLU B 165 -3.28 32.58 -2.07
C GLU B 165 -2.81 31.52 -3.07
N LEU B 166 -3.69 30.60 -3.43
CA LEU B 166 -3.36 29.55 -4.36
C LEU B 166 -3.11 30.09 -5.78
N GLU B 167 -3.76 31.18 -6.13
CA GLU B 167 -3.57 31.75 -7.47
C GLU B 167 -2.24 32.47 -7.63
N ASP B 168 -1.78 33.07 -6.54
CA ASP B 168 -0.49 33.75 -6.50
C ASP B 168 0.64 32.71 -6.52
N ILE B 169 0.47 31.65 -5.74
CA ILE B 169 1.47 30.57 -5.70
C ILE B 169 1.57 30.00 -7.10
N SER B 170 0.42 29.69 -7.69
CA SER B 170 0.34 29.10 -9.01
C SER B 170 0.99 29.96 -10.11
N ALA B 171 0.74 31.26 -10.09
CA ALA B 171 1.33 32.17 -11.09
C ALA B 171 2.86 32.32 -10.92
N SER B 172 3.35 32.38 -9.68
CA SER B 172 4.80 32.39 -9.44
C SER B 172 5.47 31.12 -9.99
N CYS B 173 4.79 29.98 -9.85
CA CYS B 173 5.28 28.70 -10.36
C CYS B 173 5.37 28.71 -11.89
N LYS B 174 4.36 29.27 -12.56
CA LYS B 174 4.39 29.38 -14.03
C LYS B 174 5.51 30.32 -14.50
N GLU B 175 5.76 31.38 -13.74
CA GLU B 175 6.79 32.38 -14.06
C GLU B 175 8.19 31.73 -14.00
N HIS B 176 8.41 30.89 -13.01
CA HIS B 176 9.74 30.34 -12.76
C HIS B 176 9.96 28.92 -13.29
N GLY B 177 8.96 28.36 -13.98
CA GLY B 177 9.03 27.01 -14.53
C GLY B 177 9.03 25.87 -13.50
N LEU B 178 8.25 26.03 -12.44
CA LEU B 178 8.12 25.02 -11.41
C LEU B 178 6.81 24.27 -11.59
N TYR B 179 6.75 23.02 -11.14
CA TYR B 179 5.47 22.31 -11.07
C TYR B 179 4.86 22.58 -9.69
N LEU B 180 3.53 22.59 -9.60
CA LEU B 180 2.86 22.74 -8.32
C LEU B 180 2.03 21.48 -8.03
N PHE B 181 2.23 20.92 -6.83
CA PHE B 181 1.58 19.70 -6.38
C PHE B 181 0.89 19.95 -5.05
N LEU B 182 -0.38 19.58 -4.94
CA LEU B 182 -1.13 19.81 -3.72
C LEU B 182 -1.51 18.50 -3.06
N ASP B 183 -1.14 18.38 -1.79
CA ASP B 183 -1.42 17.23 -0.95
C ASP B 183 -2.79 17.42 -0.33
N GLY B 184 -3.77 16.63 -0.77
CA GLY B 184 -5.16 16.72 -0.29
C GLY B 184 -5.60 15.61 0.66
N ALA B 185 -4.68 15.17 1.51
CA ALA B 185 -5.02 14.27 2.59
C ALA B 185 -6.31 14.74 3.33
N ARG B 186 -6.40 16.04 3.61
CA ARG B 186 -7.54 16.61 4.33
C ARG B 186 -8.29 17.62 3.48
N LEU B 187 -8.42 17.30 2.19
CA LEU B 187 -9.15 18.15 1.27
C LEU B 187 -10.64 18.20 1.53
N ALA B 188 -11.21 17.12 2.09
CA ALA B 188 -12.65 17.09 2.41
C ALA B 188 -13.02 18.16 3.46
N SER B 189 -12.25 18.19 4.56
CA SER B 189 -12.41 19.20 5.61
C SER B 189 -12.15 20.62 5.09
N ALA B 190 -11.15 20.77 4.23
CA ALA B 190 -10.77 22.09 3.74
C ALA B 190 -11.88 22.71 2.90
N LEU B 191 -12.42 21.93 1.97
CA LEU B 191 -13.35 22.44 0.99
C LEU B 191 -14.79 22.52 1.51
N SER B 192 -15.06 21.95 2.68
CA SER B 192 -16.35 22.04 3.38
C SER B 192 -16.35 23.06 4.52
N SER B 193 -15.20 23.70 4.74
CA SER B 193 -15.03 24.71 5.78
C SER B 193 -15.74 26.02 5.42
N PRO B 194 -16.26 26.74 6.42
CA PRO B 194 -16.87 28.06 6.18
C PRO B 194 -15.93 29.13 5.62
N VAL B 195 -14.65 29.08 5.97
CA VAL B 195 -13.69 30.07 5.46
C VAL B 195 -13.20 29.77 4.03
N ASN B 196 -13.63 28.66 3.44
CA ASN B 196 -13.12 28.24 2.13
C ASN B 196 -13.83 28.89 0.97
N ASP B 197 -13.07 29.28 -0.06
CA ASP B 197 -13.63 29.72 -1.34
C ASP B 197 -13.06 28.99 -2.58
N LEU B 198 -12.40 27.85 -2.36
CA LEU B 198 -11.87 27.00 -3.44
C LEU B 198 -12.83 25.85 -3.76
N THR B 199 -12.89 25.48 -5.04
CA THR B 199 -13.55 24.27 -5.49
C THR B 199 -12.48 23.31 -6.03
N LEU B 200 -12.89 22.08 -6.36
CA LEU B 200 -11.99 21.10 -6.96
C LEU B 200 -11.60 21.53 -8.37
N ALA B 201 -12.53 22.17 -9.06
CA ALA B 201 -12.26 22.75 -10.36
C ALA B 201 -11.11 23.76 -10.30
N ASP B 202 -11.12 24.63 -9.30
CA ASP B 202 -10.04 25.62 -9.11
C ASP B 202 -8.68 24.94 -8.93
N ILE B 203 -8.66 23.90 -8.10
CA ILE B 203 -7.40 23.24 -7.75
C ILE B 203 -6.82 22.56 -8.98
N ALA B 204 -7.67 21.92 -9.77
CA ALA B 204 -7.32 21.34 -11.06
C ALA B 204 -6.80 22.38 -12.07
N ARG B 205 -7.37 23.57 -12.05
CA ARG B 205 -6.94 24.64 -12.94
C ARG B 205 -5.56 25.16 -12.57
N LEU B 206 -5.25 25.20 -11.28
CA LEU B 206 -4.06 25.92 -10.77
C LEU B 206 -2.85 25.05 -10.40
N THR B 207 -3.02 23.74 -10.42
CA THR B 207 -1.95 22.79 -10.10
C THR B 207 -1.66 21.88 -11.28
N ASP B 208 -0.46 21.30 -11.30
CA ASP B 208 -0.09 20.29 -12.31
C ASP B 208 -0.45 18.90 -11.83
N PHE B 210 -2.39 16.93 -8.13
CA PHE B 210 -2.80 16.91 -6.73
C PHE B 210 -3.45 15.59 -6.40
N TYR B 211 -3.79 15.40 -5.14
CA TYR B 211 -4.50 14.18 -4.76
C TYR B 211 -5.61 14.48 -3.76
N ILE B 212 -6.66 13.67 -3.86
CA ILE B 212 -7.82 13.72 -3.00
C ILE B 212 -7.74 12.54 -2.08
N GLY B 213 -7.71 12.78 -0.77
CA GLY B 213 -7.58 11.70 0.20
C GLY B 213 -8.92 11.13 0.64
N ALA B 214 -9.07 9.80 0.57
CA ALA B 214 -10.26 9.14 1.11
C ALA B 214 -10.03 8.54 2.50
N THR B 215 -8.80 8.19 2.82
CA THR B 215 -8.48 7.58 4.11
C THR B 215 -9.04 8.32 5.32
N LYS B 216 -8.97 9.65 5.27
CA LYS B 216 -9.35 10.53 6.37
C LYS B 216 -10.72 11.16 6.16
N ALA B 217 -11.41 10.76 5.10
CA ALA B 217 -12.68 11.36 4.73
C ALA B 217 -13.77 10.31 4.43
N GLY B 218 -13.66 9.14 5.05
CA GLY B 218 -14.69 8.13 4.91
C GLY B 218 -14.22 6.80 4.40
N GLY B 219 -13.12 6.78 3.65
CA GLY B 219 -12.62 5.54 3.07
C GLY B 219 -11.73 4.76 4.02
N PHE B 221 -9.05 3.35 2.95
CA PHE B 221 -7.78 3.76 2.36
C PHE B 221 -8.13 4.45 1.03
N GLY B 222 -7.13 4.80 0.24
CA GLY B 222 -7.36 5.36 -1.07
C GLY B 222 -6.95 6.81 -1.13
N GLU B 223 -6.11 7.12 -2.10
CA GLU B 223 -5.82 8.48 -2.49
C GLU B 223 -5.97 8.47 -3.99
N ALA B 224 -6.59 9.50 -4.55
CA ALA B 224 -6.71 9.64 -5.98
C ALA B 224 -5.70 10.68 -6.48
N LEU B 225 -4.63 10.21 -7.11
CA LEU B 225 -3.64 11.07 -7.73
C LEU B 225 -4.11 11.56 -9.09
N ILE B 226 -4.30 12.88 -9.21
CA ILE B 226 -4.71 13.51 -10.45
C ILE B 226 -3.54 14.17 -11.13
N ILE B 227 -3.20 13.73 -12.34
CA ILE B 227 -2.14 14.34 -13.14
C ILE B 227 -2.74 15.15 -14.27
N LEU B 228 -2.43 16.43 -14.30
CA LEU B 228 -3.04 17.39 -15.24
C LEU B 228 -2.09 17.88 -16.32
N ASN B 229 -0.86 18.16 -15.94
CA ASN B 229 0.18 18.58 -16.88
C ASN B 229 0.59 17.35 -17.71
N ASP B 230 0.58 17.51 -19.04
CA ASP B 230 0.82 16.38 -19.94
C ASP B 230 2.23 15.80 -19.88
N ALA B 231 3.21 16.62 -19.54
CA ALA B 231 4.59 16.17 -19.43
C ALA B 231 4.83 15.19 -18.26
N LEU B 232 3.97 15.24 -17.24
CA LEU B 232 4.09 14.35 -16.10
C LEU B 232 3.38 13.01 -16.31
N LYS B 233 2.51 12.92 -17.31
CA LYS B 233 1.63 11.75 -17.47
C LYS B 233 2.24 10.39 -17.89
N PRO B 234 3.11 10.34 -18.91
CA PRO B 234 3.49 9.06 -19.54
C PRO B 234 4.15 8.02 -18.61
N ASN B 235 3.66 6.78 -18.69
CA ASN B 235 4.21 5.64 -17.99
C ASN B 235 4.17 5.77 -16.46
N ALA B 236 3.31 6.65 -15.95
CA ALA B 236 3.15 6.82 -14.52
C ALA B 236 2.89 5.47 -13.84
N ARG B 237 2.15 4.59 -14.50
CA ARG B 237 1.84 3.26 -13.96
C ARG B 237 3.06 2.37 -13.79
N HIS B 238 4.07 2.54 -14.64
CA HIS B 238 5.32 1.84 -14.41
C HIS B 238 5.95 2.25 -13.08
N LEU B 239 5.95 3.56 -12.80
CA LEU B 239 6.53 4.07 -11.54
C LEU B 239 5.74 3.61 -10.31
N ILE B 240 4.43 3.62 -10.42
CA ILE B 240 3.57 3.19 -9.33
C ILE B 240 3.88 1.73 -9.01
N LYS B 241 4.06 0.92 -10.03
CA LYS B 241 4.39 -0.48 -9.86
C LYS B 241 5.72 -0.66 -9.12
N GLN B 242 6.72 0.10 -9.56
CA GLN B 242 8.08 0.01 -9.09
C GLN B 242 8.22 0.33 -7.60
N ARG B 243 7.39 1.25 -7.12
CA ARG B 243 7.39 1.65 -5.74
C ARG B 243 6.43 0.83 -4.89
N GLY B 244 5.83 -0.20 -5.50
CA GLY B 244 5.04 -1.18 -4.77
C GLY B 244 3.64 -0.74 -4.44
N ALA B 245 3.15 0.21 -5.22
CA ALA B 245 1.92 0.92 -4.94
C ALA B 245 0.81 0.55 -5.92
N LEU B 246 1.06 -0.37 -6.86
CA LEU B 246 0.05 -0.79 -7.81
C LEU B 246 -0.71 -1.99 -7.23
N ALA B 248 -3.03 -5.00 -6.38
CA ALA B 248 -3.52 -6.08 -7.20
C ALA B 248 -5.03 -6.04 -7.33
N LYS B 249 -5.72 -5.94 -6.20
CA LYS B 249 -7.16 -5.86 -6.19
C LYS B 249 -7.56 -4.38 -6.17
N GLY B 250 -7.21 -3.69 -7.26
CA GLY B 250 -7.35 -2.24 -7.38
C GLY B 250 -8.77 -1.71 -7.40
N TRP B 251 -9.71 -2.58 -7.76
CA TRP B 251 -11.11 -2.20 -7.76
C TRP B 251 -11.61 -1.77 -6.38
N LEU B 252 -10.95 -2.25 -5.34
CA LEU B 252 -11.33 -1.90 -3.97
C LEU B 252 -10.97 -0.47 -3.61
N LEU B 253 -9.90 0.06 -4.19
CA LEU B 253 -9.59 1.48 -4.08
C LEU B 253 -10.62 2.29 -4.83
N GLY B 254 -10.92 1.88 -6.06
CA GLY B 254 -11.95 2.49 -6.86
C GLY B 254 -13.32 2.62 -6.20
N ILE B 255 -13.72 1.58 -5.46
CA ILE B 255 -15.04 1.55 -4.83
C ILE B 255 -15.14 2.67 -3.80
N GLN B 256 -14.03 2.96 -3.09
CA GLN B 256 -13.98 4.04 -2.10
C GLN B 256 -14.48 5.37 -2.67
N PHE B 257 -13.96 5.71 -3.85
CA PHE B 257 -14.25 6.98 -4.53
C PHE B 257 -15.55 6.98 -5.33
N GLU B 258 -15.93 5.80 -5.82
CA GLU B 258 -17.19 5.65 -6.53
C GLU B 258 -18.36 5.94 -5.57
N VAL B 259 -18.16 5.67 -4.29
CA VAL B 259 -19.14 6.06 -3.28
C VAL B 259 -18.91 7.47 -2.77
N LEU B 260 -17.66 7.87 -2.48
CA LEU B 260 -17.44 9.17 -1.85
C LEU B 260 -17.71 10.35 -2.79
N LYS B 262 -19.83 10.53 -5.15
CA LYS B 262 -21.22 10.54 -5.61
C LYS B 262 -22.14 11.29 -4.63
N ASP B 263 -22.97 12.18 -5.15
CA ASP B 263 -23.98 12.92 -4.37
C ASP B 263 -23.40 13.80 -3.26
N ASN B 264 -22.21 14.35 -3.50
CA ASN B 264 -21.59 15.29 -2.59
C ASN B 264 -21.24 14.68 -1.21
N LEU B 265 -21.15 13.36 -1.13
CA LEU B 265 -20.95 12.69 0.15
C LEU B 265 -19.60 13.11 0.75
N PHE B 266 -18.59 13.21 -0.10
CA PHE B 266 -17.25 13.62 0.31
C PHE B 266 -17.31 14.94 1.09
N PHE B 267 -17.94 15.95 0.50
CA PHE B 267 -18.07 17.24 1.17
C PHE B 267 -19.06 17.25 2.36
N GLU B 268 -20.01 16.33 2.39
CA GLU B 268 -20.96 16.24 3.52
C GLU B 268 -20.30 15.64 4.76
N LEU B 269 -19.41 14.67 4.56
CA LEU B 269 -18.68 14.07 5.65
C LEU B 269 -17.67 15.07 6.19
N GLY B 270 -17.10 15.87 5.31
CA GLY B 270 -16.18 16.92 5.71
C GLY B 270 -16.91 17.97 6.54
N ALA B 271 -18.13 18.32 6.14
CA ALA B 271 -18.93 19.33 6.86
C ALA B 271 -19.26 18.81 8.25
N HIS B 272 -19.66 17.54 8.35
CA HIS B 272 -19.86 16.94 9.66
C HIS B 272 -18.60 17.05 10.54
N SER B 273 -17.42 16.71 10.00
CA SER B 273 -16.18 16.73 10.77
C SER B 273 -15.87 18.15 11.29
N ASN B 274 -15.99 19.14 10.41
CA ASN B 274 -15.81 20.56 10.78
C ASN B 274 -16.79 21.07 11.83
N LYS B 275 -18.02 20.58 11.78
CA LYS B 275 -19.08 20.98 12.70
C LYS B 275 -18.78 20.45 14.12
N ALA B 277 -15.81 19.72 15.31
CA ALA B 277 -14.70 20.54 15.74
C ALA B 277 -15.18 21.90 16.24
N ALA B 278 -16.19 22.47 15.60
CA ALA B 278 -16.77 23.77 16.03
C ALA B 278 -17.43 23.73 17.41
N ILE B 279 -17.96 22.57 17.80
CA ILE B 279 -18.48 22.38 19.15
C ILE B 279 -17.36 22.32 20.16
N LEU B 280 -16.27 21.63 19.80
CA LEU B 280 -15.11 21.55 20.66
C LEU B 280 -14.51 22.95 20.80
N LYS B 281 -14.40 23.66 19.68
CA LYS B 281 -13.78 25.00 19.63
C LYS B 281 -14.56 25.99 20.46
N ALA B 282 -15.88 25.89 20.43
CA ALA B 282 -16.75 26.78 21.20
C ALA B 282 -16.59 26.51 22.69
N GLY B 283 -16.50 25.23 23.08
CA GLY B 283 -16.28 24.87 24.47
C GLY B 283 -14.95 25.39 24.99
N LEU B 284 -13.91 25.24 24.19
CA LEU B 284 -12.58 25.73 24.53
C LEU B 284 -12.55 27.26 24.68
N GLU B 285 -13.21 27.98 23.78
CA GLU B 285 -13.23 29.46 23.78
C GLU B 285 -14.08 30.08 24.89
N ALA B 286 -15.07 29.34 25.38
CA ALA B 286 -15.88 29.77 26.51
C ALA B 286 -15.12 29.53 27.82
N CYS B 287 -14.16 28.61 27.78
CA CYS B 287 -13.33 28.28 28.95
C CYS B 287 -12.01 29.08 29.00
N GLY B 288 -11.84 30.05 28.11
CA GLY B 288 -10.64 30.88 28.07
C GLY B 288 -9.39 30.23 27.47
N ILE B 289 -9.50 28.98 27.02
CA ILE B 289 -8.39 28.23 26.45
C ILE B 289 -8.11 28.68 25.01
N ARG B 290 -6.85 29.01 24.76
CA ARG B 290 -6.40 29.56 23.48
C ARG B 290 -5.97 28.43 22.55
N LEU B 291 -6.01 28.71 21.25
CA LEU B 291 -5.54 27.79 20.23
C LEU B 291 -4.21 28.27 19.67
N ALA B 292 -3.32 27.34 19.38
CA ALA B 292 -1.97 27.66 18.91
C ALA B 292 -1.96 28.15 17.46
N TRP B 293 -2.93 27.71 16.67
CA TRP B 293 -3.13 28.21 15.30
C TRP B 293 -4.62 28.43 15.06
N PRO B 294 -4.97 29.36 14.17
CA PRO B 294 -6.39 29.57 13.84
C PRO B 294 -6.93 28.33 13.15
N SER B 295 -8.21 28.05 13.29
CA SER B 295 -8.77 26.85 12.71
C SER B 295 -10.24 26.98 12.36
N ALA B 296 -10.56 26.63 11.12
CA ALA B 296 -11.92 26.32 10.71
C ALA B 296 -12.00 24.96 10.05
N SER B 297 -11.14 24.02 10.45
CA SER B 297 -11.11 22.70 9.86
C SER B 297 -11.34 21.67 10.97
N ASN B 298 -10.82 20.46 10.79
CA ASN B 298 -11.15 19.36 11.68
C ASN B 298 -10.09 19.13 12.74
N GLN B 299 -9.04 19.97 12.76
CA GLN B 299 -7.96 19.90 13.74
C GLN B 299 -7.93 21.15 14.63
N LEU B 300 -7.65 20.95 15.91
CA LEU B 300 -7.53 22.03 16.87
C LEU B 300 -6.35 21.76 17.77
N PHE B 301 -5.69 22.83 18.19
CA PHE B 301 -4.44 22.78 18.91
C PHE B 301 -4.53 23.60 20.18
N PRO B 302 -5.36 23.20 21.12
CA PRO B 302 -5.48 23.95 22.38
C PRO B 302 -4.20 23.89 23.24
N ILE B 303 -3.90 25.00 23.91
CA ILE B 303 -2.83 25.05 24.90
C ILE B 303 -3.48 24.82 26.25
N LEU B 304 -3.23 23.67 26.86
CA LEU B 304 -3.89 23.32 28.13
C LEU B 304 -2.89 23.09 29.29
N GLU B 305 -3.37 23.29 30.51
CA GLU B 305 -2.60 23.03 31.72
C GLU B 305 -2.37 21.53 31.85
N ASN B 306 -1.17 21.16 32.25
CA ASN B 306 -0.81 19.75 32.39
C ASN B 306 -1.72 18.99 33.38
N THR B 307 -2.08 19.61 34.49
CA THR B 307 -3.03 19.01 35.46
C THR B 307 -4.42 18.81 34.87
N ILE B 309 -4.85 18.20 31.60
CA ILE B 309 -4.68 17.09 30.67
C ILE B 309 -4.77 15.73 31.38
N ALA B 310 -4.17 15.61 32.57
CA ALA B 310 -4.14 14.33 33.28
C ALA B 310 -5.55 13.87 33.68
N GLU B 311 -6.44 14.82 33.99
CA GLU B 311 -7.83 14.49 34.29
C GLU B 311 -8.67 14.22 33.02
N LEU B 312 -8.47 15.00 31.96
CA LEU B 312 -9.15 14.75 30.68
C LEU B 312 -8.82 13.35 30.17
N ASN B 313 -7.56 12.94 30.36
CA ASN B 313 -7.04 11.63 29.92
C ASN B 313 -7.84 10.42 30.40
N ASN B 314 -8.51 10.54 31.54
CA ASN B 314 -9.33 9.45 32.09
C ASN B 314 -10.58 9.17 31.22
N ASP B 315 -11.03 10.19 30.50
CA ASP B 315 -12.24 10.12 29.65
C ASP B 315 -11.99 10.22 28.15
N PHE B 316 -10.86 10.81 27.77
CA PHE B 316 -10.60 11.11 26.36
C PHE B 316 -9.14 10.90 25.97
N ASP B 317 -8.92 10.54 24.71
CA ASP B 317 -7.58 10.38 24.18
C ASP B 317 -7.25 11.52 23.20
N TYR B 319 -3.80 13.84 21.23
CA TYR B 319 -2.39 13.81 20.83
C TYR B 319 -1.61 14.94 21.53
N THR B 320 -0.41 14.61 22.00
CA THR B 320 0.48 15.59 22.64
C THR B 320 1.46 16.12 21.62
N VAL B 321 1.38 17.41 21.32
CA VAL B 321 2.16 18.00 20.23
C VAL B 321 3.47 18.57 20.73
N GLU B 322 3.41 19.44 21.73
CA GLU B 322 4.59 20.17 22.18
C GLU B 322 4.49 20.60 23.65
N PRO B 323 5.21 19.93 24.54
CA PRO B 323 5.35 20.42 25.91
C PRO B 323 6.03 21.78 25.94
N LEU B 324 5.56 22.67 26.82
CA LEU B 324 6.14 23.99 27.00
C LEU B 324 6.72 24.12 28.41
N LYS B 325 7.62 25.08 28.59
CA LYS B 325 8.33 25.24 29.87
C LYS B 325 7.41 25.60 31.04
N ASP B 326 6.37 26.39 30.76
CA ASP B 326 5.52 27.01 31.78
C ASP B 326 4.42 26.12 32.40
N GLY B 327 4.55 24.81 32.31
CA GLY B 327 3.61 23.88 32.93
C GLY B 327 2.34 23.59 32.12
N THR B 328 2.37 23.97 30.83
CA THR B 328 1.28 23.71 29.91
C THR B 328 1.81 22.95 28.72
N CYS B 329 0.91 22.64 27.78
CA CYS B 329 1.22 21.76 26.68
C CYS B 329 0.26 22.04 25.52
N ILE B 330 0.78 22.05 24.30
CA ILE B 330 -0.07 22.11 23.12
C ILE B 330 -0.54 20.68 22.85
N ARG B 332 -3.31 18.23 20.41
CA ARG B 332 -4.13 18.23 19.21
C ARG B 332 -5.42 17.44 19.44
N LEU B 333 -6.53 18.05 19.04
CA LEU B 333 -7.81 17.36 18.91
C LEU B 333 -8.15 17.27 17.43
N CYS B 334 -8.63 16.10 17.03
CA CYS B 334 -8.95 15.83 15.65
C CYS B 334 -10.33 15.14 15.59
N THR B 335 -11.21 15.67 14.75
CA THR B 335 -12.50 15.04 14.49
C THR B 335 -12.50 14.47 13.09
N SER B 336 -13.51 13.66 12.82
CA SER B 336 -13.63 12.95 11.54
C SER B 336 -15.10 12.81 11.20
N TRP B 337 -15.37 12.28 10.01
CA TRP B 337 -16.73 11.94 9.57
C TRP B 337 -17.46 11.01 10.55
N ALA B 338 -16.71 10.28 11.37
CA ALA B 338 -17.24 9.28 12.27
C ALA B 338 -17.43 9.79 13.69
N THR B 339 -16.99 11.01 13.95
CA THR B 339 -17.03 11.55 15.31
C THR B 339 -18.47 11.73 15.77
N GLU B 340 -18.74 11.32 17.01
CA GLU B 340 -20.07 11.37 17.62
C GLU B 340 -20.28 12.71 18.30
N GLU B 341 -21.40 13.37 17.99
CA GLU B 341 -21.75 14.66 18.59
C GLU B 341 -21.89 14.60 20.11
N LYS B 342 -22.46 13.52 20.63
CA LYS B 342 -22.60 13.34 22.08
C LYS B 342 -21.25 13.26 22.82
N GLU B 343 -20.21 12.79 22.15
CA GLU B 343 -18.87 12.79 22.72
C GLU B 343 -18.27 14.20 22.73
N CYS B 344 -18.63 14.98 21.73
CA CYS B 344 -18.17 16.36 21.62
C CYS B 344 -18.79 17.23 22.73
N HIS B 345 -20.10 17.14 22.90
CA HIS B 345 -20.77 17.87 23.97
C HIS B 345 -20.21 17.43 25.32
N ARG B 346 -19.95 16.14 25.47
CA ARG B 346 -19.43 15.56 26.71
C ARG B 346 -18.02 16.09 27.03
N PHE B 347 -17.21 16.29 26.00
CA PHE B 347 -15.86 16.85 26.20
C PHE B 347 -15.96 18.27 26.75
N VAL B 348 -16.77 19.10 26.09
CA VAL B 348 -17.04 20.46 26.52
C VAL B 348 -17.52 20.54 27.97
N GLU B 349 -18.41 19.63 28.35
CA GLU B 349 -19.00 19.62 29.68
C GLU B 349 -18.00 19.19 30.76
N VAL B 350 -17.18 18.17 30.47
CA VAL B 350 -16.13 17.75 31.40
C VAL B 350 -15.09 18.86 31.57
N LEU B 351 -14.82 19.59 30.48
CA LEU B 351 -13.88 20.71 30.47
C LEU B 351 -14.36 21.88 31.33
N LYS B 352 -15.65 22.15 31.33
CA LYS B 352 -16.21 23.23 32.13
C LYS B 352 -16.21 22.88 33.61
N ARG B 353 -16.48 21.63 33.95
CA ARG B 353 -16.38 21.14 35.33
C ARG B 353 -14.93 21.25 35.82
N LEU B 354 -13.98 20.98 34.93
CA LEU B 354 -12.57 21.02 35.32
C LEU B 354 -12.12 22.46 35.53
N VAL B 355 -12.53 23.36 34.65
CA VAL B 355 -12.18 24.77 34.72
C VAL B 355 -12.87 25.47 35.91
N ALA B 356 -13.99 24.92 36.38
CA ALA B 356 -14.75 25.50 37.48
C ALA B 356 -14.69 24.60 38.72
#